data_3DVN
#
_entry.id   3DVN
#
_cell.length_a   177.705
_cell.length_b   94.571
_cell.length_c   97.740
_cell.angle_alpha   90.00
_cell.angle_beta   107.21
_cell.angle_gamma   90.00
#
_symmetry.space_group_name_H-M   'C 1 2 1'
#
loop_
_entity.id
_entity.type
_entity.pdbx_description
1 polymer 'Human IgG1 fab fragment light chain'
2 polymer 'Human IgG1 fab fragment heavy chain'
3 polymer 'Ubiquitin D77'
4 polymer Ubiquitin
#
loop_
_entity_poly.entity_id
_entity_poly.type
_entity_poly.pdbx_seq_one_letter_code
_entity_poly.pdbx_strand_id
1 'polypeptide(L)'
;SDIQMTQSPSSLSASVGDRVTITCRASQSVSSAVAWYQQKPGKAPKLLIYSASSLYSGVPSRFSGSRSGTDFTLTISSLQ
PEDFATYYCQQYSSYSSLFTFGQGTKVEIKRTVAAPSVFIFPPSDEQLKSGTASVVCLLNNFYPREAKVQWKVDNALQSG
NSQESVTEQDSKDSTYSLSSTLTLSKADYEKHKVYACEVTHQGLSSPVTKSFNRGEC
;
A,L
2 'polypeptide(L)'
;EISEVQLVESGGGLVQPGGSLRLSCAASGFNVKTGLIHWVRQAPGKGLEWVAYISPYYGSTSYADSVKGRFTISADTSKN
TAYLQMNSLRAEDTAVYYCAREYYRWYTAIDYWGQGTLVTVSSASTKGPSVFPLAPSSKSTSGGTAALGCLVKDYFPEPV
TVSWNSGALTSGVHTFPAVLQSSGLYSLSSVVTVPSSSLGTQTYICNVNHKPSNTKVDKKVEPKSCDKTH
;
B,H
3 'polypeptide(L)' GSHMQIFVKTLTGKTITLEVEPSDTIENVKAKIQDKEGIPPDQQRLIFAGKQLEDGRTLSDYNIQKESTLHLVLRLRGGD X,U
4 'polypeptide(L)' GSHMQIFVKTLTGKTITLEVEPSDTIENVKAKIQDKEGIPPDQQRLIFAGKQLEDGRTLSDYNIQRESTLHLVLRLRGG Y,V
#
# COMPACT_ATOMS: atom_id res chain seq x y z
N THR A 6 5.51 0.70 -5.43
CA THR A 6 4.64 1.00 -4.24
C THR A 6 3.42 0.08 -4.10
N GLN A 7 2.96 -0.51 -5.20
CA GLN A 7 1.77 -1.38 -5.13
C GLN A 7 1.83 -2.62 -6.00
N SER A 8 1.02 -3.62 -5.63
CA SER A 8 0.87 -4.85 -6.39
C SER A 8 0.33 -4.54 -7.79
N PRO A 9 0.76 -5.31 -8.81
CA PRO A 9 0.27 -5.04 -10.16
C PRO A 9 -1.20 -5.39 -10.33
N SER A 10 -1.90 -4.65 -11.18
CA SER A 10 -3.29 -4.96 -11.50
C SER A 10 -3.28 -6.05 -12.57
N SER A 11 -4.44 -6.65 -12.82
CA SER A 11 -4.50 -7.89 -13.59
C SER A 11 -5.44 -7.85 -14.79
N LEU A 12 -5.03 -8.48 -15.88
CA LEU A 12 -5.86 -8.56 -17.09
C LEU A 12 -5.70 -9.93 -17.78
N SER A 13 -6.81 -10.62 -18.01
CA SER A 13 -6.75 -11.92 -18.68
C SER A 13 -7.21 -11.88 -20.13
N ALA A 14 -6.39 -12.46 -20.99
CA ALA A 14 -6.63 -12.50 -22.42
C ALA A 14 -6.15 -13.81 -23.04
N SER A 15 -6.53 -14.02 -24.30
CA SER A 15 -6.17 -15.22 -25.04
C SER A 15 -5.23 -14.89 -26.18
N VAL A 16 -4.39 -15.87 -26.54
CA VAL A 16 -3.51 -15.75 -27.71
C VAL A 16 -4.34 -15.30 -28.89
N GLY A 17 -3.95 -14.17 -29.48
CA GLY A 17 -4.65 -13.63 -30.65
C GLY A 17 -5.48 -12.37 -30.39
N ASP A 18 -5.78 -12.11 -29.12
CA ASP A 18 -6.57 -10.95 -28.70
C ASP A 18 -5.83 -9.63 -28.88
N ARG A 19 -6.58 -8.55 -29.01
CA ARG A 19 -6.04 -7.19 -28.96
C ARG A 19 -6.07 -6.67 -27.50
N VAL A 20 -4.99 -6.02 -27.09
CA VAL A 20 -4.89 -5.47 -25.73
C VAL A 20 -4.31 -4.04 -25.72
N THR A 21 -5.06 -3.11 -25.13
CA THR A 21 -4.64 -1.73 -24.96
C THR A 21 -4.61 -1.31 -23.50
N ILE A 22 -3.39 -1.25 -22.95
CA ILE A 22 -3.16 -0.74 -21.61
C ILE A 22 -3.04 0.77 -21.70
N THR A 23 -3.71 1.51 -20.82
CA THR A 23 -3.55 2.97 -20.83
C THR A 23 -2.84 3.45 -19.56
N CYS A 24 -1.93 4.41 -19.72
CA CYS A 24 -0.99 4.86 -18.67
C CYS A 24 -1.60 5.91 -17.75
N ARG A 25 -1.41 5.72 -16.44
CA ARG A 25 -2.03 6.56 -15.40
C ARG A 25 -1.05 7.45 -14.63
N ALA A 26 0.11 6.88 -14.28
CA ALA A 26 1.09 7.42 -13.29
C ALA A 26 1.14 8.92 -12.90
N SER A 27 1.05 9.85 -13.87
CA SER A 27 1.25 11.29 -13.59
C SER A 27 0.24 12.26 -14.22
N GLN A 28 0.53 13.56 -14.11
CA GLN A 28 -0.35 14.62 -14.62
C GLN A 28 0.10 15.14 -16.01
N SER A 29 0.60 16.37 -16.07
CA SER A 29 1.03 17.00 -17.33
C SER A 29 2.32 16.40 -17.90
N VAL A 30 3.14 15.86 -17.01
CA VAL A 30 4.34 15.05 -17.34
C VAL A 30 5.23 15.55 -18.50
N SER A 31 4.95 15.05 -19.71
CA SER A 31 5.84 15.24 -20.86
C SER A 31 5.17 14.76 -22.16
N SER A 32 5.90 13.93 -22.90
CA SER A 32 5.39 13.17 -24.04
C SER A 32 6.42 12.06 -24.25
N ALA A 33 7.55 12.22 -23.57
CA ALA A 33 8.57 11.18 -23.45
C ALA A 33 8.03 10.17 -22.47
N VAL A 34 7.34 9.17 -22.99
CA VAL A 34 6.78 8.10 -22.19
C VAL A 34 7.31 6.78 -22.73
N ALA A 35 7.80 5.94 -21.85
CA ALA A 35 8.36 4.66 -22.26
C ALA A 35 7.56 3.53 -21.64
N TRP A 36 7.60 2.37 -22.29
CA TRP A 36 6.91 1.20 -21.78
C TRP A 36 7.88 0.05 -21.71
N TYR A 37 7.82 -0.69 -20.61
CA TYR A 37 8.72 -1.79 -20.37
C TYR A 37 7.94 -3.09 -20.16
N GLN A 38 8.58 -4.22 -20.44
CA GLN A 38 7.99 -5.53 -20.22
C GLN A 38 8.89 -6.27 -19.27
N GLN A 39 8.29 -6.93 -18.29
CA GLN A 39 9.05 -7.64 -17.31
C GLN A 39 8.41 -8.99 -17.08
N LYS A 40 9.24 -10.01 -17.10
CA LYS A 40 8.81 -11.37 -16.79
C LYS A 40 9.37 -11.76 -15.43
N PRO A 41 8.68 -12.65 -14.71
CA PRO A 41 9.07 -13.00 -13.33
C PRO A 41 10.55 -13.37 -13.18
N GLY A 42 11.18 -12.87 -12.13
CA GLY A 42 12.58 -13.19 -11.81
C GLY A 42 13.59 -12.70 -12.84
N LYS A 43 13.13 -11.84 -13.74
CA LYS A 43 13.98 -11.31 -14.80
C LYS A 43 13.97 -9.79 -14.78
N ALA A 44 14.94 -9.18 -15.45
CA ALA A 44 15.01 -7.73 -15.52
C ALA A 44 14.12 -7.18 -16.63
N PRO A 45 13.57 -5.96 -16.44
CA PRO A 45 12.74 -5.28 -17.43
C PRO A 45 13.43 -5.04 -18.77
N LYS A 46 12.65 -5.05 -19.84
CA LYS A 46 13.13 -4.75 -21.18
C LYS A 46 12.33 -3.59 -21.75
N LEU A 47 12.99 -2.69 -22.47
CA LEU A 47 12.34 -1.53 -23.08
C LEU A 47 11.64 -1.91 -24.39
N LEU A 48 10.37 -1.53 -24.51
CA LEU A 48 9.58 -1.80 -25.70
C LEU A 48 9.34 -0.54 -26.54
N ILE A 49 8.70 0.46 -25.94
CA ILE A 49 8.36 1.70 -26.62
C ILE A 49 9.03 2.89 -25.94
N TYR A 50 9.52 3.84 -26.73
CA TYR A 50 10.11 5.06 -26.23
C TYR A 50 9.47 6.29 -26.88
N SER A 51 9.53 7.41 -26.15
CA SER A 51 8.82 8.63 -26.50
C SER A 51 7.46 8.33 -27.12
N ALA A 52 6.62 7.67 -26.32
CA ALA A 52 5.20 7.45 -26.59
C ALA A 52 4.92 6.40 -27.66
N SER A 53 5.54 6.53 -28.84
CA SER A 53 5.07 5.79 -30.00
C SER A 53 6.13 5.14 -30.88
N SER A 54 7.39 5.14 -30.48
CA SER A 54 8.40 4.48 -31.33
C SER A 54 8.99 3.24 -30.72
N LEU A 55 9.27 2.26 -31.58
CA LEU A 55 9.68 0.94 -31.17
C LEU A 55 11.17 0.90 -30.96
N TYR A 56 11.57 0.37 -29.81
CA TYR A 56 12.97 0.14 -29.51
C TYR A 56 13.53 -0.97 -30.40
N SER A 57 14.83 -0.91 -30.63
CA SER A 57 15.55 -1.91 -31.41
C SER A 57 15.09 -3.34 -31.13
N GLY A 58 14.53 -3.96 -32.17
CA GLY A 58 14.21 -5.40 -32.14
C GLY A 58 12.88 -5.77 -31.54
N VAL A 59 11.99 -4.80 -31.39
CA VAL A 59 10.66 -5.06 -30.84
C VAL A 59 9.69 -5.37 -31.98
N PRO A 60 8.93 -6.47 -31.85
CA PRO A 60 7.98 -6.95 -32.87
C PRO A 60 6.92 -5.89 -33.19
N SER A 61 6.50 -5.83 -34.45
CA SER A 61 5.61 -4.76 -34.89
C SER A 61 4.18 -4.81 -34.33
N ARG A 62 3.83 -5.90 -33.66
CA ARG A 62 2.52 -6.00 -32.98
C ARG A 62 2.40 -5.07 -31.76
N PHE A 63 3.53 -4.59 -31.28
CA PHE A 63 3.57 -3.58 -30.23
C PHE A 63 3.50 -2.20 -30.89
N SER A 64 2.64 -1.34 -30.37
CA SER A 64 2.60 0.07 -30.80
C SER A 64 2.26 0.97 -29.61
N GLY A 65 2.54 2.26 -29.75
CA GLY A 65 2.32 3.22 -28.67
C GLY A 65 1.66 4.48 -29.16
N SER A 66 0.65 4.95 -28.44
CA SER A 66 -0.12 6.10 -28.91
C SER A 66 -0.39 7.09 -27.81
N ARG A 67 -0.56 8.35 -28.22
CA ARG A 67 -0.93 9.42 -27.33
C ARG A 67 -2.23 10.02 -27.80
N SER A 68 -3.18 10.18 -26.88
CA SER A 68 -4.35 11.03 -27.14
C SER A 68 -4.68 11.87 -25.91
N GLY A 69 -4.79 13.17 -26.13
CA GLY A 69 -4.93 14.13 -25.04
C GLY A 69 -3.73 14.00 -24.12
N THR A 70 -3.99 13.65 -22.86
CA THR A 70 -2.93 13.47 -21.86
C THR A 70 -2.81 12.00 -21.46
N ASP A 71 -3.40 11.13 -22.30
CA ASP A 71 -3.39 9.68 -22.08
C ASP A 71 -2.50 8.97 -23.08
N PHE A 72 -1.64 8.09 -22.57
CA PHE A 72 -0.74 7.29 -23.38
C PHE A 72 -1.16 5.83 -23.32
N THR A 73 -1.22 5.17 -24.49
CA THR A 73 -1.61 3.77 -24.57
C THR A 73 -0.53 2.87 -25.16
N LEU A 74 -0.34 1.70 -24.54
CA LEU A 74 0.39 0.58 -25.13
C LEU A 74 -0.65 -0.38 -25.70
N THR A 75 -0.46 -0.76 -26.96
CA THR A 75 -1.35 -1.71 -27.60
C THR A 75 -0.54 -2.91 -28.09
N ILE A 76 -1.04 -4.11 -27.80
CA ILE A 76 -0.54 -5.32 -28.45
C ILE A 76 -1.68 -5.82 -29.32
N SER A 77 -1.48 -5.76 -30.64
CA SER A 77 -2.55 -6.05 -31.60
C SER A 77 -3.02 -7.51 -31.66
N SER A 78 -2.13 -8.43 -31.31
CA SER A 78 -2.40 -9.86 -31.44
C SER A 78 -1.46 -10.60 -30.49
N LEU A 79 -1.97 -10.98 -29.33
CA LEU A 79 -1.16 -11.60 -28.28
C LEU A 79 -0.50 -12.90 -28.70
N GLN A 80 0.83 -12.97 -28.55
CA GLN A 80 1.59 -14.19 -28.76
C GLN A 80 1.93 -14.76 -27.39
N PRO A 81 2.25 -16.07 -27.29
CA PRO A 81 2.54 -16.71 -26.01
C PRO A 81 3.62 -16.01 -25.19
N GLU A 82 4.59 -15.41 -25.86
CA GLU A 82 5.69 -14.74 -25.17
C GLU A 82 5.36 -13.30 -24.71
N ASP A 83 4.13 -12.86 -24.97
CA ASP A 83 3.67 -11.52 -24.56
C ASP A 83 3.02 -11.48 -23.19
N PHE A 84 2.71 -12.67 -22.66
CA PHE A 84 2.19 -12.78 -21.30
C PHE A 84 3.27 -12.45 -20.27
N ALA A 85 3.07 -11.32 -19.58
CA ALA A 85 4.08 -10.69 -18.74
C ALA A 85 3.46 -9.49 -18.03
N THR A 86 4.30 -8.68 -17.39
CA THR A 86 3.85 -7.46 -16.72
C THR A 86 4.41 -6.24 -17.44
N TYR A 87 3.56 -5.22 -17.63
CA TYR A 87 3.96 -4.02 -18.35
C TYR A 87 3.95 -2.75 -17.46
N TYR A 88 4.88 -1.84 -17.74
CA TYR A 88 5.00 -0.62 -16.97
C TYR A 88 5.20 0.55 -17.91
N CYS A 89 4.52 1.66 -17.65
CA CYS A 89 4.87 2.91 -18.32
C CYS A 89 5.72 3.73 -17.38
N GLN A 90 6.63 4.49 -17.98
CA GLN A 90 7.52 5.36 -17.26
C GLN A 90 7.24 6.77 -17.74
N GLN A 91 7.10 7.69 -16.80
CA GLN A 91 6.91 9.10 -17.12
C GLN A 91 8.06 9.92 -16.56
N TYR A 92 8.33 11.05 -17.19
CA TYR A 92 9.44 11.91 -16.82
C TYR A 92 8.93 13.34 -16.71
N SER A 93 9.16 13.97 -15.58
CA SER A 93 8.82 15.38 -15.41
C SER A 93 10.01 16.22 -15.83
N SER A 94 9.85 16.95 -16.92
CA SER A 94 10.82 17.94 -17.36
C SER A 94 11.22 18.82 -16.15
N TYR A 95 10.23 19.47 -15.55
CA TYR A 95 10.44 20.43 -14.47
C TYR A 95 11.22 19.87 -13.27
N SER A 96 10.71 18.82 -12.65
CA SER A 96 11.31 18.30 -11.41
C SER A 96 12.44 17.29 -11.62
N SER A 97 12.63 16.81 -12.86
CA SER A 97 13.65 15.81 -13.21
C SER A 97 13.43 14.47 -12.53
N LEU A 98 12.19 14.21 -12.14
CA LEU A 98 11.78 12.95 -11.54
C LEU A 98 11.23 12.00 -12.60
N PHE A 99 11.63 10.74 -12.51
CA PHE A 99 11.02 9.65 -13.29
C PHE A 99 10.01 8.90 -12.39
N THR A 100 8.89 8.47 -12.99
CA THR A 100 7.82 7.76 -12.27
C THR A 100 7.37 6.53 -13.04
N PHE A 101 7.42 5.37 -12.40
CA PHE A 101 6.88 4.15 -12.99
C PHE A 101 5.47 3.97 -12.50
N GLY A 102 4.58 3.63 -13.42
CA GLY A 102 3.19 3.34 -13.07
C GLY A 102 3.01 1.98 -12.42
N GLN A 103 1.77 1.68 -12.06
CA GLN A 103 1.39 0.49 -11.29
C GLN A 103 1.90 -0.86 -11.82
N GLY A 104 1.76 -1.09 -13.11
CA GLY A 104 2.13 -2.40 -13.63
C GLY A 104 0.89 -3.24 -13.91
N THR A 105 0.72 -3.60 -15.16
CA THR A 105 -0.38 -4.45 -15.57
C THR A 105 0.17 -5.82 -15.92
N LYS A 106 -0.34 -6.86 -15.27
CA LYS A 106 0.05 -8.23 -15.58
C LYS A 106 -0.99 -8.86 -16.49
N VAL A 107 -0.63 -9.06 -17.76
CA VAL A 107 -1.46 -9.79 -18.72
C VAL A 107 -1.28 -11.31 -18.52
N GLU A 108 -2.30 -11.97 -17.95
CA GLU A 108 -2.29 -13.43 -17.76
C GLU A 108 -3.03 -14.20 -18.88
N ILE A 109 -2.70 -15.49 -19.05
CA ILE A 109 -3.32 -16.34 -20.08
C ILE A 109 -4.68 -16.85 -19.63
N LYS A 110 -5.72 -16.58 -20.41
CA LYS A 110 -7.07 -17.05 -20.10
C LYS A 110 -7.30 -18.49 -20.56
N ARG A 111 -7.94 -19.28 -19.71
CA ARG A 111 -8.34 -20.66 -20.03
C ARG A 111 -9.63 -21.08 -19.32
N THR A 112 -10.02 -22.35 -19.47
CA THR A 112 -11.24 -22.87 -18.87
C THR A 112 -11.16 -22.90 -17.34
N VAL A 113 -12.31 -22.68 -16.68
CA VAL A 113 -12.38 -22.80 -15.23
C VAL A 113 -11.93 -24.17 -14.76
N ALA A 114 -11.17 -24.20 -13.68
CA ALA A 114 -10.71 -25.44 -13.11
C ALA A 114 -10.77 -25.39 -11.58
N ALA A 115 -11.60 -26.24 -11.00
CA ALA A 115 -11.74 -26.34 -9.53
C ALA A 115 -10.43 -26.77 -8.84
N PRO A 116 -10.12 -26.16 -7.71
CA PRO A 116 -8.91 -26.58 -7.00
C PRO A 116 -9.04 -27.99 -6.40
N SER A 117 -7.91 -28.70 -6.33
CA SER A 117 -7.81 -29.92 -5.56
C SER A 117 -7.32 -29.48 -4.18
N VAL A 118 -8.10 -29.77 -3.16
CA VAL A 118 -7.78 -29.26 -1.85
C VAL A 118 -7.22 -30.36 -0.97
N PHE A 119 -6.05 -30.07 -0.40
CA PHE A 119 -5.43 -30.95 0.60
C PHE A 119 -5.15 -30.17 1.88
N ILE A 120 -5.28 -30.85 3.01
CA ILE A 120 -4.92 -30.30 4.31
C ILE A 120 -3.80 -31.16 4.91
N PHE A 121 -2.89 -30.51 5.62
CA PHE A 121 -1.79 -31.20 6.27
C PHE A 121 -1.76 -30.82 7.75
N PRO A 122 -2.01 -31.80 8.63
CA PRO A 122 -1.76 -31.49 10.03
C PRO A 122 -0.28 -31.16 10.22
N PRO A 123 0.08 -30.54 11.35
CA PRO A 123 1.49 -30.30 11.62
C PRO A 123 2.21 -31.61 11.95
N SER A 124 3.52 -31.66 11.75
CA SER A 124 4.32 -32.85 12.03
C SER A 124 4.72 -32.93 13.49
N ASP A 125 4.68 -34.12 14.07
CA ASP A 125 5.09 -34.33 15.47
C ASP A 125 6.39 -33.60 15.76
N GLU A 126 7.29 -33.60 14.78
CA GLU A 126 8.59 -32.95 14.89
C GLU A 126 8.46 -31.44 15.14
N GLN A 127 7.51 -30.78 14.47
CA GLN A 127 7.29 -29.35 14.68
C GLN A 127 6.66 -29.07 16.05
N LEU A 128 5.72 -29.92 16.47
CA LEU A 128 5.11 -29.81 17.79
C LEU A 128 6.16 -29.74 18.90
N LYS A 129 7.26 -30.48 18.73
CA LYS A 129 8.32 -30.53 19.73
C LYS A 129 9.10 -29.23 19.83
N SER A 130 8.89 -28.33 18.88
CA SER A 130 9.49 -27.00 18.89
C SER A 130 8.59 -25.96 19.56
N GLY A 131 7.34 -26.32 19.85
CA GLY A 131 6.40 -25.40 20.49
C GLY A 131 5.47 -24.61 19.57
N THR A 132 5.54 -24.88 18.26
CA THR A 132 4.59 -24.30 17.31
C THR A 132 3.99 -25.36 16.39
N ALA A 133 2.81 -25.06 15.85
CA ALA A 133 2.15 -25.95 14.90
C ALA A 133 1.71 -25.14 13.69
N SER A 134 2.14 -25.59 12.52
CA SER A 134 1.67 -25.02 11.26
C SER A 134 0.77 -26.03 10.58
N VAL A 135 -0.46 -25.62 10.30
CA VAL A 135 -1.42 -26.42 9.56
C VAL A 135 -1.49 -25.86 8.16
N VAL A 136 -1.16 -26.67 7.16
CA VAL A 136 -1.16 -26.20 5.75
C VAL A 136 -2.38 -26.70 4.98
N CYS A 137 -2.95 -25.81 4.19
CA CYS A 137 -4.07 -26.13 3.30
C CYS A 137 -3.63 -25.80 1.88
N LEU A 138 -3.66 -26.80 1.00
CA LEU A 138 -3.18 -26.63 -0.37
C LEU A 138 -4.34 -26.61 -1.36
N LEU A 139 -4.29 -25.64 -2.27
CA LEU A 139 -5.23 -25.54 -3.37
C LEU A 139 -4.41 -25.70 -4.64
N ASN A 140 -4.55 -26.86 -5.28
CA ASN A 140 -3.70 -27.20 -6.40
C ASN A 140 -4.33 -26.99 -7.76
N ASN A 141 -3.54 -26.43 -8.67
CA ASN A 141 -3.87 -26.34 -10.10
C ASN A 141 -5.31 -25.88 -10.36
N PHE A 142 -5.55 -24.59 -10.12
CA PHE A 142 -6.87 -23.99 -10.34
C PHE A 142 -6.84 -22.76 -11.25
N TYR A 143 -8.00 -22.37 -11.75
CA TYR A 143 -8.17 -21.18 -12.55
C TYR A 143 -9.64 -20.76 -12.52
N PRO A 144 -9.93 -19.45 -12.38
CA PRO A 144 -9.02 -18.29 -12.23
C PRO A 144 -8.34 -18.20 -10.88
N ARG A 145 -7.52 -17.16 -10.69
CA ARG A 145 -6.69 -16.99 -9.51
C ARG A 145 -7.50 -16.76 -8.22
N GLU A 146 -8.71 -16.21 -8.37
CA GLU A 146 -9.50 -15.82 -7.20
C GLU A 146 -9.99 -17.02 -6.42
N ALA A 147 -9.57 -17.09 -5.17
CA ALA A 147 -9.97 -18.18 -4.28
C ALA A 147 -10.21 -17.64 -2.88
N LYS A 148 -10.95 -18.40 -2.07
CA LYS A 148 -11.27 -17.96 -0.72
C LYS A 148 -11.06 -19.12 0.24
N VAL A 149 -10.10 -18.95 1.15
CA VAL A 149 -9.78 -20.00 2.13
C VAL A 149 -10.27 -19.57 3.51
N GLN A 150 -11.03 -20.42 4.18
CA GLN A 150 -11.55 -20.06 5.48
C GLN A 150 -11.25 -21.13 6.53
N TRP A 151 -10.40 -20.78 7.49
CA TRP A 151 -10.02 -21.68 8.56
C TRP A 151 -11.12 -21.81 9.61
N LYS A 152 -11.36 -23.04 10.05
CA LYS A 152 -12.31 -23.30 11.13
C LYS A 152 -11.65 -24.17 12.17
N VAL A 153 -11.65 -23.69 13.41
CA VAL A 153 -11.09 -24.43 14.54
C VAL A 153 -12.20 -24.68 15.55
N ASP A 154 -12.56 -25.95 15.75
CA ASP A 154 -13.75 -26.31 16.53
C ASP A 154 -14.96 -25.43 16.16
N ASN A 155 -15.14 -25.22 14.86
CA ASN A 155 -16.23 -24.41 14.33
C ASN A 155 -16.13 -22.89 14.59
N ALA A 156 -15.05 -22.44 15.23
CA ALA A 156 -14.78 -21.00 15.34
C ALA A 156 -14.05 -20.49 14.10
N LEU A 157 -14.60 -19.45 13.47
CA LEU A 157 -14.02 -18.90 12.25
C LEU A 157 -12.84 -18.00 12.56
N GLN A 158 -11.69 -18.35 12.00
CA GLN A 158 -10.43 -17.67 12.23
C GLN A 158 -10.15 -16.55 11.25
N SER A 159 -9.41 -15.56 11.71
CA SER A 159 -8.90 -14.48 10.84
C SER A 159 -7.70 -13.81 11.51
N GLY A 160 -6.66 -13.55 10.71
CA GLY A 160 -5.44 -12.87 11.18
C GLY A 160 -4.34 -13.80 11.69
N ASN A 161 -4.57 -15.10 11.60
CA ASN A 161 -3.54 -16.07 11.99
C ASN A 161 -3.17 -17.04 10.87
N SER A 162 -3.39 -16.61 9.63
CA SER A 162 -3.06 -17.43 8.47
C SER A 162 -2.47 -16.58 7.38
N GLN A 163 -1.59 -17.18 6.57
CA GLN A 163 -0.95 -16.46 5.47
C GLN A 163 -1.07 -17.28 4.19
N GLU A 164 -1.26 -16.57 3.09
CA GLU A 164 -1.49 -17.17 1.78
C GLU A 164 -0.34 -16.89 0.84
N SER A 165 -0.08 -17.84 -0.04
CA SER A 165 0.95 -17.69 -1.04
C SER A 165 0.47 -18.32 -2.36
N VAL A 166 0.71 -17.61 -3.45
CA VAL A 166 0.26 -18.02 -4.78
C VAL A 166 1.44 -18.11 -5.75
N THR A 167 1.48 -19.20 -6.49
CA THR A 167 2.46 -19.41 -7.55
C THR A 167 2.13 -18.56 -8.75
N GLU A 168 3.13 -18.32 -9.59
CA GLU A 168 2.93 -17.67 -10.88
C GLU A 168 2.20 -18.64 -11.82
N GLN A 169 1.37 -18.10 -12.69
CA GLN A 169 0.59 -18.91 -13.61
C GLN A 169 1.49 -19.91 -14.34
N ASP A 170 1.13 -21.19 -14.28
CA ASP A 170 1.93 -22.28 -14.83
C ASP A 170 2.12 -22.16 -16.34
N SER A 171 3.38 -22.21 -16.77
CA SER A 171 3.76 -22.03 -18.19
C SER A 171 3.17 -23.09 -19.13
N LYS A 172 2.77 -24.24 -18.57
CA LYS A 172 2.21 -25.31 -19.38
C LYS A 172 0.68 -25.41 -19.34
N ASP A 173 0.10 -25.62 -18.17
CA ASP A 173 -1.37 -25.78 -18.05
C ASP A 173 -2.15 -24.50 -17.68
N SER A 174 -1.41 -23.44 -17.38
CA SER A 174 -1.97 -22.11 -17.06
C SER A 174 -2.79 -22.01 -15.77
N THR A 175 -2.61 -22.97 -14.87
CA THR A 175 -3.34 -22.97 -13.63
C THR A 175 -2.53 -22.23 -12.58
N TYR A 176 -3.11 -22.08 -11.38
CA TYR A 176 -2.46 -21.45 -10.28
C TYR A 176 -2.49 -22.43 -9.13
N SER A 177 -1.64 -22.19 -8.14
CA SER A 177 -1.71 -22.94 -6.90
C SER A 177 -1.57 -22.01 -5.71
N LEU A 178 -2.27 -22.33 -4.64
CA LEU A 178 -2.27 -21.51 -3.46
C LEU A 178 -2.05 -22.38 -2.23
N SER A 179 -1.23 -21.88 -1.31
CA SER A 179 -1.06 -22.50 -0.01
C SER A 179 -1.58 -21.52 1.03
N SER A 180 -2.30 -22.04 2.01
CA SER A 180 -2.74 -21.24 3.13
C SER A 180 -2.23 -21.93 4.37
N THR A 181 -1.45 -21.22 5.18
CA THR A 181 -0.82 -21.79 6.38
C THR A 181 -1.39 -21.15 7.64
N LEU A 182 -1.89 -21.98 8.53
CA LEU A 182 -2.38 -21.55 9.84
C LEU A 182 -1.31 -21.80 10.88
N THR A 183 -1.06 -20.79 11.70
CA THR A 183 0.01 -20.87 12.68
C THR A 183 -0.54 -20.70 14.08
N LEU A 184 -0.24 -21.67 14.96
CA LEU A 184 -0.65 -21.60 16.34
C LEU A 184 0.47 -22.08 17.26
N SER A 185 0.39 -21.69 18.53
CA SER A 185 1.31 -22.22 19.52
C SER A 185 0.89 -23.63 19.84
N LYS A 186 1.87 -24.47 20.16
CA LYS A 186 1.62 -25.83 20.59
C LYS A 186 0.44 -25.86 21.56
N ALA A 187 0.51 -25.03 22.59
CA ALA A 187 -0.52 -24.97 23.63
C ALA A 187 -1.90 -24.69 23.04
N ASP A 188 -1.97 -23.72 22.12
CA ASP A 188 -3.25 -23.39 21.49
C ASP A 188 -3.76 -24.54 20.63
N TYR A 189 -2.85 -25.13 19.85
CA TYR A 189 -3.16 -26.26 18.99
C TYR A 189 -3.68 -27.43 19.83
N GLU A 190 -3.01 -27.66 20.95
CA GLU A 190 -3.32 -28.74 21.90
C GLU A 190 -4.69 -28.58 22.59
N LYS A 191 -5.28 -27.37 22.51
CA LYS A 191 -6.55 -27.04 23.15
C LYS A 191 -7.78 -27.37 22.31
N HIS A 192 -7.59 -27.64 21.01
CA HIS A 192 -8.71 -27.85 20.10
C HIS A 192 -8.62 -29.17 19.33
N LYS A 193 -9.73 -29.58 18.71
CA LYS A 193 -9.80 -30.89 18.06
C LYS A 193 -9.97 -30.84 16.53
N VAL A 194 -11.01 -30.14 16.08
CA VAL A 194 -11.36 -30.11 14.65
C VAL A 194 -10.71 -28.92 13.94
N TYR A 195 -9.86 -29.22 12.95
CA TYR A 195 -9.22 -28.21 12.10
C TYR A 195 -9.68 -28.34 10.66
N ALA A 196 -10.14 -27.26 10.05
CA ALA A 196 -10.71 -27.35 8.70
C ALA A 196 -10.44 -26.11 7.87
N CYS A 197 -10.12 -26.30 6.59
CA CYS A 197 -10.10 -25.17 5.66
C CYS A 197 -11.22 -25.31 4.65
N GLU A 198 -11.96 -24.22 4.48
CA GLU A 198 -13.09 -24.20 3.58
C GLU A 198 -12.66 -23.39 2.38
N VAL A 199 -12.85 -23.99 1.21
CA VAL A 199 -12.40 -23.39 -0.04
C VAL A 199 -13.60 -22.96 -0.88
N THR A 200 -13.56 -21.71 -1.33
CA THR A 200 -14.59 -21.18 -2.21
C THR A 200 -13.94 -20.78 -3.53
N HIS A 201 -14.55 -21.21 -4.64
CA HIS A 201 -14.03 -20.97 -5.99
C HIS A 201 -15.12 -21.09 -7.08
N GLN A 202 -14.94 -20.31 -8.15
CA GLN A 202 -15.80 -20.32 -9.34
C GLN A 202 -16.15 -21.73 -9.84
N GLY A 203 -15.13 -22.59 -9.94
CA GLY A 203 -15.27 -23.94 -10.47
C GLY A 203 -15.78 -24.98 -9.48
N LEU A 204 -16.15 -24.51 -8.29
CA LEU A 204 -16.78 -25.36 -7.29
C LEU A 204 -18.24 -24.93 -7.14
N SER A 205 -19.15 -25.90 -7.26
CA SER A 205 -20.58 -25.59 -7.16
C SER A 205 -20.95 -25.13 -5.75
N SER A 206 -20.24 -25.69 -4.77
CA SER A 206 -20.40 -25.31 -3.38
C SER A 206 -19.07 -25.51 -2.65
N PRO A 207 -18.86 -24.82 -1.51
CA PRO A 207 -17.57 -24.83 -0.85
C PRO A 207 -17.06 -26.21 -0.43
N VAL A 208 -15.78 -26.47 -0.69
CA VAL A 208 -15.14 -27.72 -0.29
C VAL A 208 -14.43 -27.52 1.03
N THR A 209 -14.69 -28.41 1.98
CA THR A 209 -14.07 -28.38 3.31
C THR A 209 -13.24 -29.64 3.55
N LYS A 210 -11.99 -29.45 3.94
CA LYS A 210 -11.13 -30.56 4.34
C LYS A 210 -10.72 -30.36 5.79
N SER A 211 -10.85 -31.41 6.59
CA SER A 211 -10.54 -31.35 8.01
C SER A 211 -9.82 -32.57 8.54
N PHE A 212 -9.27 -32.43 9.73
CA PHE A 212 -8.75 -33.58 10.47
C PHE A 212 -9.04 -33.37 11.95
N ASN A 213 -9.03 -34.46 12.70
CA ASN A 213 -9.13 -34.39 14.14
C ASN A 213 -7.76 -34.63 14.73
N ARG A 214 -7.25 -33.60 15.42
CA ARG A 214 -5.96 -33.62 16.07
C ARG A 214 -5.64 -35.00 16.65
N GLY A 215 -4.51 -35.56 16.23
CA GLY A 215 -4.00 -36.81 16.81
C GLY A 215 -4.91 -38.01 16.72
N GLU A 216 -5.52 -38.19 15.55
CA GLU A 216 -6.25 -39.41 15.20
C GLU A 216 -6.47 -39.45 13.69
N CYS A 217 -5.45 -39.92 12.97
CA CYS A 217 -5.50 -39.98 11.50
C CYS A 217 -6.15 -41.28 11.02
N GLU B 4 29.03 -5.40 -27.01
CA GLU B 4 27.84 -5.74 -26.17
C GLU B 4 27.88 -4.99 -24.83
N VAL B 5 26.90 -4.10 -24.65
CA VAL B 5 26.77 -3.32 -23.41
C VAL B 5 26.23 -4.20 -22.30
N GLN B 6 26.92 -4.21 -21.16
CA GLN B 6 26.47 -4.93 -19.97
C GLN B 6 26.64 -4.07 -18.72
N LEU B 7 25.66 -4.13 -17.82
CA LEU B 7 25.76 -3.49 -16.52
C LEU B 7 25.59 -4.54 -15.44
N VAL B 8 26.57 -4.63 -14.54
CA VAL B 8 26.56 -5.62 -13.48
C VAL B 8 26.55 -4.94 -12.12
N GLU B 9 25.41 -5.00 -11.45
CA GLU B 9 25.33 -4.51 -10.08
C GLU B 9 25.94 -5.51 -9.11
N SER B 10 26.31 -5.00 -7.94
CA SER B 10 26.93 -5.80 -6.88
C SER B 10 26.91 -5.02 -5.56
N GLY B 11 27.24 -5.71 -4.47
CA GLY B 11 27.25 -5.11 -3.15
C GLY B 11 25.97 -5.30 -2.36
N GLY B 12 25.01 -6.02 -2.92
CA GLY B 12 23.76 -6.33 -2.21
C GLY B 12 23.99 -7.13 -0.93
N GLY B 13 22.95 -7.25 -0.11
CA GLY B 13 23.02 -8.06 1.11
C GLY B 13 22.17 -7.58 2.27
N LEU B 14 22.58 -7.94 3.48
CA LEU B 14 21.84 -7.67 4.70
C LEU B 14 22.40 -6.45 5.42
N VAL B 15 21.50 -5.55 5.85
CA VAL B 15 21.84 -4.55 6.85
C VAL B 15 20.71 -4.34 7.85
N GLN B 16 21.05 -3.76 8.99
CA GLN B 16 20.09 -3.47 10.04
C GLN B 16 19.47 -2.10 9.81
N PRO B 17 18.23 -1.90 10.27
CA PRO B 17 17.57 -0.59 10.16
C PRO B 17 18.44 0.51 10.78
N GLY B 18 18.70 1.56 10.01
CA GLY B 18 19.52 2.68 10.46
C GLY B 18 20.94 2.58 9.92
N GLY B 19 21.24 1.45 9.30
CA GLY B 19 22.58 1.16 8.82
C GLY B 19 22.78 1.59 7.38
N SER B 20 23.97 1.32 6.84
CA SER B 20 24.34 1.77 5.52
C SER B 20 24.90 0.66 4.64
N LEU B 21 24.81 0.86 3.33
CA LEU B 21 25.30 -0.10 2.34
C LEU B 21 25.73 0.64 1.06
N ARG B 22 26.77 0.13 0.38
CA ARG B 22 27.21 0.70 -0.91
C ARG B 22 27.12 -0.28 -2.07
N LEU B 23 26.26 0.05 -3.02
CA LEU B 23 26.08 -0.71 -4.24
C LEU B 23 26.97 -0.22 -5.37
N SER B 24 27.47 -1.15 -6.18
CA SER B 24 28.31 -0.82 -7.30
C SER B 24 27.60 -1.22 -8.59
N CYS B 25 27.75 -0.40 -9.62
CA CYS B 25 27.26 -0.75 -10.94
C CYS B 25 28.40 -0.57 -11.94
N ALA B 26 29.01 -1.69 -12.31
CA ALA B 26 30.14 -1.72 -13.26
C ALA B 26 29.66 -1.95 -14.70
N ALA B 27 30.06 -1.07 -15.61
CA ALA B 27 29.63 -1.15 -17.00
C ALA B 27 30.73 -1.60 -17.94
N SER B 28 30.36 -2.37 -18.95
CA SER B 28 31.29 -2.74 -20.02
C SER B 28 30.64 -2.51 -21.39
N GLY B 29 31.51 -2.39 -22.41
CA GLY B 29 31.08 -2.17 -23.80
C GLY B 29 30.49 -0.80 -24.07
N PHE B 30 30.62 0.10 -23.10
CA PHE B 30 29.96 1.40 -23.10
C PHE B 30 30.65 2.29 -22.08
N ASN B 31 30.88 3.55 -22.44
CA ASN B 31 31.43 4.54 -21.52
C ASN B 31 30.34 5.24 -20.74
N VAL B 32 30.40 5.16 -19.42
CA VAL B 32 29.35 5.72 -18.54
C VAL B 32 29.13 7.21 -18.75
N LYS B 33 30.19 7.93 -19.11
CA LYS B 33 30.11 9.37 -19.35
C LYS B 33 29.38 9.76 -20.64
N THR B 34 29.13 8.78 -21.51
CA THR B 34 28.44 9.05 -22.77
C THR B 34 26.91 9.04 -22.64
N GLY B 35 26.43 9.01 -21.40
CA GLY B 35 24.99 8.96 -21.13
C GLY B 35 24.65 9.19 -19.67
N LEU B 36 23.49 8.72 -19.23
CA LEU B 36 23.15 8.79 -17.81
C LEU B 36 23.04 7.40 -17.20
N ILE B 37 23.16 7.30 -15.89
CA ILE B 37 23.00 6.02 -15.20
C ILE B 37 22.03 6.05 -14.03
N HIS B 38 21.12 5.07 -14.03
CA HIS B 38 19.94 5.03 -13.17
C HIS B 38 19.98 3.86 -12.22
N TRP B 39 19.40 4.07 -11.04
CA TRP B 39 19.04 2.97 -10.16
C TRP B 39 17.55 2.93 -10.04
N VAL B 40 17.01 1.72 -10.11
CA VAL B 40 15.58 1.48 -10.02
C VAL B 40 15.44 0.28 -9.13
N ARG B 41 14.52 0.32 -8.18
CA ARG B 41 14.36 -0.81 -7.26
C ARG B 41 12.98 -1.45 -7.36
N GLN B 42 12.86 -2.65 -6.79
CA GLN B 42 11.62 -3.41 -6.89
C GLN B 42 11.49 -4.37 -5.73
N ALA B 43 10.59 -4.01 -4.81
CA ALA B 43 10.32 -4.85 -3.63
C ALA B 43 9.52 -6.10 -4.02
N PRO B 44 9.74 -7.23 -3.32
CA PRO B 44 9.07 -8.49 -3.66
C PRO B 44 7.57 -8.33 -3.94
N GLY B 45 7.16 -8.74 -5.14
CA GLY B 45 5.74 -8.81 -5.48
C GLY B 45 5.11 -7.47 -5.78
N LYS B 46 5.95 -6.45 -5.99
CA LYS B 46 5.48 -5.08 -6.18
C LYS B 46 6.04 -4.44 -7.45
N GLY B 47 5.69 -3.18 -7.69
CA GLY B 47 6.08 -2.52 -8.94
C GLY B 47 7.49 -1.99 -8.93
N LEU B 48 7.90 -1.40 -10.04
CA LEU B 48 9.18 -0.72 -10.17
C LEU B 48 9.10 0.66 -9.51
N GLU B 49 10.13 1.02 -8.76
CA GLU B 49 10.27 2.39 -8.21
C GLU B 49 11.61 2.97 -8.66
N TRP B 50 11.57 4.08 -9.40
CA TRP B 50 12.79 4.79 -9.77
C TRP B 50 13.45 5.40 -8.53
N VAL B 51 14.78 5.23 -8.42
CA VAL B 51 15.53 5.67 -7.24
C VAL B 51 16.34 6.95 -7.48
N ALA B 52 17.26 6.89 -8.45
CA ALA B 52 18.12 8.03 -8.76
C ALA B 52 18.77 7.91 -10.13
N TYR B 53 19.22 9.04 -10.66
CA TYR B 53 20.13 8.99 -11.78
C TYR B 53 21.34 9.89 -11.56
N ILE B 54 22.38 9.67 -12.36
CA ILE B 54 23.53 10.53 -12.39
C ILE B 54 23.98 10.71 -13.83
N SER B 55 24.55 11.86 -14.13
CA SER B 55 25.27 12.07 -15.39
C SER B 55 26.74 12.17 -15.05
N PRO B 56 27.51 11.08 -15.31
CA PRO B 56 28.91 10.99 -14.91
C PRO B 56 29.82 12.03 -15.57
N TYR B 57 29.37 12.59 -16.70
CA TYR B 57 30.15 13.62 -17.38
C TYR B 57 30.13 14.94 -16.62
N TYR B 58 28.97 15.29 -16.06
CA TYR B 58 28.80 16.60 -15.43
C TYR B 58 28.77 16.58 -13.90
N GLY B 59 28.41 15.43 -13.34
CA GLY B 59 28.20 15.29 -11.89
C GLY B 59 26.75 15.51 -11.50
N SER B 60 25.90 15.73 -12.51
CA SER B 60 24.46 15.97 -12.32
C SER B 60 23.80 14.79 -11.64
N THR B 61 23.03 15.06 -10.59
CA THR B 61 22.26 14.00 -9.91
C THR B 61 20.79 14.38 -9.76
N SER B 62 19.98 13.39 -9.45
CA SER B 62 18.54 13.58 -9.19
C SER B 62 18.02 12.36 -8.46
N TYR B 63 17.25 12.61 -7.41
CA TYR B 63 16.77 11.53 -6.54
C TYR B 63 15.26 11.57 -6.36
N ALA B 64 14.66 10.40 -6.18
CA ALA B 64 13.24 10.30 -5.80
C ALA B 64 13.04 10.84 -4.38
N ASP B 65 11.84 11.33 -4.08
CA ASP B 65 11.53 11.88 -2.77
C ASP B 65 11.69 10.88 -1.64
N SER B 66 11.35 9.62 -1.90
CA SER B 66 11.37 8.58 -0.87
C SER B 66 12.79 8.24 -0.47
N VAL B 67 13.74 8.92 -1.09
CA VAL B 67 15.13 8.52 -1.01
C VAL B 67 16.10 9.71 -0.84
N LYS B 68 15.59 10.93 -1.11
CA LYS B 68 16.39 12.14 -1.31
C LYS B 68 17.57 12.40 -0.37
N GLY B 69 17.29 12.59 0.91
CA GLY B 69 18.34 13.05 1.81
C GLY B 69 19.27 11.98 2.37
N ARG B 70 18.95 10.72 2.12
CA ARG B 70 19.66 9.61 2.76
C ARG B 70 20.40 8.70 1.79
N PHE B 71 20.18 8.89 0.50
CA PHE B 71 20.87 8.14 -0.56
C PHE B 71 21.76 9.09 -1.34
N THR B 72 22.92 8.62 -1.75
CA THR B 72 23.80 9.42 -2.59
C THR B 72 24.34 8.60 -3.75
N ILE B 73 24.06 9.08 -4.96
CA ILE B 73 24.53 8.44 -6.17
C ILE B 73 25.82 9.09 -6.66
N SER B 74 26.77 8.27 -7.10
CA SER B 74 28.07 8.78 -7.55
C SER B 74 28.58 7.99 -8.75
N ALA B 75 29.71 8.43 -9.30
CA ALA B 75 30.36 7.76 -10.42
C ALA B 75 31.89 7.72 -10.25
N ASP B 76 32.53 6.83 -11.01
CA ASP B 76 33.98 6.78 -11.11
C ASP B 76 34.27 6.44 -12.54
N THR B 77 34.58 7.47 -13.34
CA THR B 77 34.71 7.33 -14.79
C THR B 77 35.89 6.45 -15.19
N SER B 78 36.98 6.55 -14.44
CA SER B 78 38.17 5.73 -14.69
C SER B 78 37.84 4.25 -14.53
N LYS B 79 37.09 3.93 -13.46
CA LYS B 79 36.64 2.57 -13.19
C LYS B 79 35.45 2.19 -14.06
N ASN B 80 34.82 3.21 -14.67
CA ASN B 80 33.62 3.03 -15.51
C ASN B 80 32.47 2.44 -14.70
N THR B 81 32.29 3.00 -13.50
CA THR B 81 31.40 2.44 -12.50
C THR B 81 30.53 3.53 -11.89
N ALA B 82 29.33 3.15 -11.45
CA ALA B 82 28.44 4.05 -10.73
C ALA B 82 28.09 3.47 -9.36
N TYR B 83 27.99 4.34 -8.35
CA TYR B 83 27.79 3.89 -6.98
C TYR B 83 26.48 4.39 -6.38
N LEU B 84 25.93 3.62 -5.44
CA LEU B 84 24.78 4.05 -4.65
C LEU B 84 25.06 3.88 -3.17
N GLN B 85 25.34 4.99 -2.51
CA GLN B 85 25.60 5.00 -1.07
C GLN B 85 24.27 5.24 -0.35
N MET B 86 23.81 4.20 0.34
CA MET B 86 22.53 4.26 1.03
C MET B 86 22.75 4.41 2.52
N ASN B 87 22.05 5.37 3.13
CA ASN B 87 22.19 5.63 4.56
C ASN B 87 20.83 5.72 5.25
N SER B 88 20.82 5.71 6.59
CA SER B 88 19.58 5.74 7.38
C SER B 88 18.56 4.79 6.77
N LEU B 89 19.05 3.60 6.41
CA LEU B 89 18.29 2.59 5.68
C LEU B 89 17.16 2.05 6.55
N ARG B 90 16.03 1.72 5.93
CA ARG B 90 14.91 1.17 6.70
C ARG B 90 14.15 0.11 5.94
N ALA B 91 13.48 -0.79 6.66
CA ALA B 91 12.76 -1.95 6.09
C ALA B 91 12.13 -1.76 4.72
N GLU B 92 11.38 -0.66 4.54
CA GLU B 92 10.77 -0.32 3.22
C GLU B 92 11.79 -0.22 2.09
N ASP B 93 13.07 -0.14 2.44
CA ASP B 93 14.12 -0.06 1.42
C ASP B 93 14.52 -1.45 0.88
N THR B 94 14.04 -2.49 1.55
CA THR B 94 14.27 -3.89 1.16
C THR B 94 13.81 -4.12 -0.25
N ALA B 95 14.74 -4.37 -1.17
CA ALA B 95 14.35 -4.58 -2.57
C ALA B 95 15.47 -5.15 -3.42
N VAL B 96 15.14 -5.41 -4.68
CA VAL B 96 16.10 -5.78 -5.72
C VAL B 96 16.41 -4.49 -6.44
N TYR B 97 17.66 -4.06 -6.38
CA TYR B 97 18.08 -2.81 -7.01
C TYR B 97 18.76 -3.08 -8.36
N TYR B 98 18.22 -2.47 -9.42
CA TYR B 98 18.78 -2.55 -10.78
C TYR B 98 19.49 -1.25 -11.14
N CYS B 99 20.61 -1.34 -11.85
CA CYS B 99 21.11 -0.17 -12.55
C CYS B 99 20.78 -0.33 -14.01
N ALA B 100 20.78 0.78 -14.74
CA ALA B 100 20.39 0.81 -16.12
C ALA B 100 20.90 2.10 -16.73
N ARG B 101 20.97 2.17 -18.05
CA ARG B 101 21.49 3.38 -18.66
C ARG B 101 20.47 4.07 -19.54
N GLU B 102 20.62 5.39 -19.68
CA GLU B 102 19.89 6.08 -20.72
C GLU B 102 20.86 6.72 -21.70
N TYR B 103 20.56 6.50 -22.98
CA TYR B 103 21.40 6.92 -24.08
C TYR B 103 20.54 7.79 -24.96
N TYR B 104 21.06 8.97 -25.29
CA TYR B 104 20.28 10.03 -25.91
C TYR B 104 19.24 9.52 -26.93
N ARG B 105 19.65 8.60 -27.79
CA ARG B 105 18.83 8.14 -28.92
C ARG B 105 17.44 7.64 -28.52
N TRP B 106 17.29 7.21 -27.26
CA TRP B 106 16.01 6.64 -26.81
C TRP B 106 15.10 7.61 -26.04
N TYR B 107 15.38 8.91 -26.18
CA TYR B 107 14.53 9.98 -25.64
C TYR B 107 14.05 9.75 -24.20
N THR B 108 14.99 9.49 -23.29
CA THR B 108 14.66 9.37 -21.86
C THR B 108 14.45 7.94 -21.36
N ALA B 109 14.19 7.02 -22.28
CA ALA B 109 13.98 5.61 -21.91
C ALA B 109 15.26 4.89 -21.50
N ILE B 110 15.13 3.93 -20.57
CA ILE B 110 16.25 3.12 -20.06
C ILE B 110 16.38 1.80 -20.84
N ASP B 111 17.54 1.54 -21.46
CA ASP B 111 17.62 0.50 -22.50
C ASP B 111 18.41 -0.79 -22.22
N TYR B 112 19.21 -0.81 -21.16
CA TYR B 112 19.99 -1.99 -20.78
C TYR B 112 19.96 -2.04 -19.27
N TRP B 113 19.57 -3.19 -18.71
CA TRP B 113 19.38 -3.33 -17.28
C TRP B 113 20.15 -4.53 -16.79
N GLY B 114 20.70 -4.44 -15.58
CA GLY B 114 21.41 -5.57 -14.99
C GLY B 114 20.41 -6.55 -14.41
N GLN B 115 20.88 -7.69 -13.92
CA GLN B 115 19.95 -8.66 -13.36
C GLN B 115 19.53 -8.34 -11.91
N GLY B 116 20.13 -7.32 -11.32
CA GLY B 116 19.65 -6.81 -10.04
C GLY B 116 20.32 -7.47 -8.85
N THR B 117 20.35 -6.76 -7.72
CA THR B 117 20.92 -7.33 -6.51
C THR B 117 20.02 -7.12 -5.28
N LEU B 118 19.85 -8.17 -4.50
CA LEU B 118 18.91 -8.15 -3.41
C LEU B 118 19.51 -7.44 -2.20
N VAL B 119 18.81 -6.39 -1.78
CA VAL B 119 19.13 -5.67 -0.57
C VAL B 119 18.00 -5.96 0.38
N THR B 120 18.37 -6.37 1.58
CA THR B 120 17.35 -6.66 2.56
C THR B 120 17.70 -5.95 3.86
N VAL B 121 16.79 -5.09 4.30
CA VAL B 121 17.00 -4.26 5.47
C VAL B 121 16.07 -4.70 6.57
N SER B 122 16.65 -5.28 7.61
CA SER B 122 15.87 -5.85 8.70
C SER B 122 16.72 -6.03 9.93
N SER B 123 16.08 -6.13 11.10
CA SER B 123 16.81 -6.37 12.35
C SER B 123 16.93 -7.86 12.70
N ALA B 124 16.48 -8.73 11.80
CA ALA B 124 16.55 -10.17 12.04
C ALA B 124 17.97 -10.69 11.85
N SER B 125 18.36 -11.61 12.72
CA SER B 125 19.62 -12.34 12.58
C SER B 125 19.44 -13.47 11.56
N THR B 126 20.40 -13.55 10.63
CA THR B 126 20.45 -14.62 9.64
C THR B 126 20.44 -16.00 10.29
N LYS B 127 19.59 -16.86 9.76
CA LYS B 127 19.25 -18.14 10.38
C LYS B 127 18.80 -19.10 9.29
N GLY B 128 19.25 -20.35 9.39
CA GLY B 128 18.85 -21.42 8.46
C GLY B 128 17.45 -21.93 8.75
N PRO B 129 16.82 -22.57 7.76
CA PRO B 129 15.46 -23.06 7.93
C PRO B 129 15.36 -24.37 8.72
N SER B 130 14.30 -24.50 9.49
CA SER B 130 13.82 -25.78 9.99
C SER B 130 12.93 -26.37 8.89
N VAL B 131 13.09 -27.66 8.61
CA VAL B 131 12.33 -28.28 7.52
C VAL B 131 11.45 -29.37 8.08
N PHE B 132 10.14 -29.21 7.89
CA PHE B 132 9.15 -30.17 8.39
C PHE B 132 8.36 -30.80 7.23
N PRO B 133 8.09 -32.11 7.33
CA PRO B 133 7.42 -32.83 6.23
C PRO B 133 5.92 -32.53 6.14
N LEU B 134 5.44 -32.18 4.95
CA LEU B 134 4.01 -32.17 4.67
C LEU B 134 3.60 -33.59 4.26
N ALA B 135 3.22 -34.41 5.24
CA ALA B 135 2.94 -35.84 5.00
C ALA B 135 1.64 -36.13 4.22
N PRO B 136 1.71 -37.08 3.27
CA PRO B 136 0.52 -37.58 2.57
C PRO B 136 -0.41 -38.39 3.48
N SER B 137 -1.73 -38.23 3.30
CA SER B 137 -2.71 -38.89 4.18
C SER B 137 -3.23 -40.22 3.60
N SER B 138 -4.30 -40.72 4.22
CA SER B 138 -4.94 -41.97 3.80
C SER B 138 -6.43 -41.75 3.51
N GLY B 143 -8.05 -38.24 -5.42
CA GLY B 143 -8.71 -39.49 -5.76
C GLY B 143 -7.90 -40.32 -6.75
N GLY B 144 -6.88 -41.00 -6.24
CA GLY B 144 -5.93 -41.75 -7.06
C GLY B 144 -4.74 -40.90 -7.45
N THR B 145 -4.46 -39.88 -6.63
CA THR B 145 -3.40 -38.91 -6.86
C THR B 145 -2.98 -38.33 -5.50
N ALA B 146 -1.67 -38.26 -5.25
CA ALA B 146 -1.19 -37.87 -3.93
C ALA B 146 -0.43 -36.54 -3.92
N ALA B 147 -0.78 -35.67 -2.97
CA ALA B 147 -0.03 -34.45 -2.70
C ALA B 147 0.86 -34.62 -1.46
N LEU B 148 2.12 -34.24 -1.61
CA LEU B 148 3.03 -34.18 -0.47
C LEU B 148 3.98 -33.00 -0.64
N GLY B 149 4.60 -32.58 0.45
CA GLY B 149 5.61 -31.52 0.39
C GLY B 149 6.46 -31.43 1.64
N CYS B 150 7.10 -30.29 1.84
CA CYS B 150 7.70 -29.97 3.11
C CYS B 150 7.66 -28.48 3.39
N LEU B 151 7.55 -28.15 4.66
CA LEU B 151 7.44 -26.78 5.12
C LEU B 151 8.85 -26.27 5.44
N VAL B 152 9.27 -25.25 4.71
CA VAL B 152 10.55 -24.57 4.95
C VAL B 152 10.28 -23.32 5.80
N LYS B 153 10.53 -23.44 7.10
CA LYS B 153 10.07 -22.47 8.09
C LYS B 153 11.19 -21.78 8.86
N ASP B 154 10.96 -20.50 9.15
CA ASP B 154 11.79 -19.68 10.05
C ASP B 154 13.25 -19.51 9.57
N TYR B 155 13.42 -19.04 8.34
CA TYR B 155 14.76 -18.73 7.81
C TYR B 155 14.91 -17.24 7.50
N PHE B 156 16.14 -16.74 7.60
CA PHE B 156 16.44 -15.36 7.25
C PHE B 156 17.88 -15.18 6.75
N PRO B 157 18.09 -14.38 5.69
CA PRO B 157 17.12 -13.73 4.81
C PRO B 157 16.83 -14.60 3.60
N GLU B 158 16.14 -14.05 2.61
CA GLU B 158 16.03 -14.68 1.30
C GLU B 158 17.40 -14.73 0.64
N PRO B 159 17.58 -15.61 -0.36
CA PRO B 159 16.63 -16.63 -0.79
C PRO B 159 16.97 -18.02 -0.25
N VAL B 160 16.07 -18.95 -0.54
CA VAL B 160 16.29 -20.37 -0.27
C VAL B 160 16.05 -21.08 -1.60
N THR B 161 16.65 -22.26 -1.79
CA THR B 161 16.35 -23.05 -2.98
C THR B 161 15.87 -24.42 -2.58
N VAL B 162 14.77 -24.84 -3.18
CA VAL B 162 14.20 -26.14 -2.92
C VAL B 162 14.19 -26.99 -4.19
N SER B 163 14.67 -28.23 -4.07
CA SER B 163 14.61 -29.20 -5.15
C SER B 163 14.16 -30.55 -4.62
N TRP B 164 13.52 -31.34 -5.50
CA TRP B 164 13.09 -32.69 -5.12
C TRP B 164 13.95 -33.77 -5.75
N ASN B 165 14.24 -34.80 -4.95
CA ASN B 165 15.05 -35.94 -5.38
C ASN B 165 16.35 -35.52 -6.07
N SER B 166 17.01 -34.51 -5.52
CA SER B 166 18.23 -33.92 -6.04
C SER B 166 18.07 -33.30 -7.43
N GLY B 167 16.82 -33.17 -7.88
CA GLY B 167 16.52 -32.64 -9.20
C GLY B 167 15.87 -33.66 -10.11
N ALA B 168 15.79 -34.91 -9.67
CA ALA B 168 15.20 -35.99 -10.47
C ALA B 168 13.68 -35.87 -10.60
N LEU B 169 13.06 -35.02 -9.76
CA LEU B 169 11.61 -34.88 -9.71
C LEU B 169 11.23 -33.42 -9.93
N THR B 170 10.51 -33.15 -11.02
CA THR B 170 10.08 -31.81 -11.36
C THR B 170 8.60 -31.70 -11.74
N SER B 171 8.01 -32.83 -12.11
CA SER B 171 6.58 -32.86 -12.45
C SER B 171 5.72 -32.77 -11.20
N GLY B 172 4.96 -31.68 -11.13
CA GLY B 172 4.03 -31.45 -10.03
C GLY B 172 4.59 -30.54 -8.97
N VAL B 173 5.87 -30.19 -9.10
CA VAL B 173 6.55 -29.33 -8.14
C VAL B 173 6.08 -27.86 -8.20
N HIS B 174 5.49 -27.42 -7.09
CA HIS B 174 5.17 -26.01 -6.85
C HIS B 174 5.93 -25.57 -5.61
N THR B 175 6.82 -24.60 -5.77
CA THR B 175 7.52 -24.01 -4.64
C THR B 175 7.05 -22.58 -4.51
N PHE B 176 6.36 -22.29 -3.41
CA PHE B 176 5.68 -21.01 -3.25
C PHE B 176 6.65 -19.90 -2.87
N PRO B 177 6.34 -18.66 -3.28
CA PRO B 177 7.03 -17.49 -2.78
C PRO B 177 6.99 -17.48 -1.25
N ALA B 178 8.08 -17.12 -0.60
CA ALA B 178 8.08 -17.03 0.85
C ALA B 178 7.19 -15.88 1.32
N VAL B 179 6.69 -15.99 2.55
CA VAL B 179 6.03 -14.87 3.22
C VAL B 179 6.84 -14.42 4.43
N LEU B 180 6.84 -13.10 4.67
CA LEU B 180 7.41 -12.56 5.88
C LEU B 180 6.42 -12.73 7.02
N GLN B 181 6.77 -13.60 7.96
CA GLN B 181 5.97 -13.76 9.16
C GLN B 181 6.18 -12.52 10.06
N SER B 182 5.25 -12.29 10.99
CA SER B 182 5.36 -11.13 11.88
C SER B 182 6.66 -11.12 12.70
N SER B 183 7.22 -12.30 12.95
CA SER B 183 8.51 -12.41 13.62
C SER B 183 9.69 -11.80 12.85
N GLY B 184 9.53 -11.62 11.55
CA GLY B 184 10.61 -11.14 10.67
C GLY B 184 11.36 -12.25 9.92
N LEU B 185 10.87 -13.47 10.02
CA LEU B 185 11.51 -14.64 9.43
C LEU B 185 10.66 -15.16 8.27
N TYR B 186 11.30 -15.64 7.22
CA TYR B 186 10.57 -16.14 6.06
C TYR B 186 10.13 -17.59 6.24
N SER B 187 9.14 -17.97 5.45
CA SER B 187 8.58 -19.30 5.47
C SER B 187 7.91 -19.59 4.11
N LEU B 188 8.21 -20.74 3.54
CA LEU B 188 7.54 -21.17 2.31
C LEU B 188 7.32 -22.66 2.37
N SER B 189 6.43 -23.15 1.53
CA SER B 189 6.22 -24.57 1.40
C SER B 189 6.50 -24.96 -0.03
N SER B 190 7.02 -26.16 -0.20
CA SER B 190 7.17 -26.72 -1.52
C SER B 190 6.35 -27.99 -1.54
N VAL B 191 5.42 -28.09 -2.49
CA VAL B 191 4.60 -29.29 -2.62
C VAL B 191 4.74 -29.88 -4.02
N VAL B 192 4.48 -31.17 -4.11
CA VAL B 192 4.51 -31.91 -5.35
C VAL B 192 3.39 -32.94 -5.35
N THR B 193 2.77 -33.16 -6.51
CA THR B 193 1.84 -34.27 -6.66
C THR B 193 2.49 -35.44 -7.38
N VAL B 194 2.30 -36.63 -6.82
CA VAL B 194 2.84 -37.85 -7.41
C VAL B 194 1.73 -38.90 -7.52
N PRO B 195 1.93 -39.93 -8.38
CA PRO B 195 1.01 -41.07 -8.44
C PRO B 195 0.80 -41.71 -7.06
N SER B 196 -0.46 -41.85 -6.68
CA SER B 196 -0.86 -42.45 -5.40
C SER B 196 -0.49 -43.96 -5.32
N SER B 197 0.18 -44.42 -6.37
CA SER B 197 0.56 -45.83 -6.53
C SER B 197 2.09 -46.02 -6.59
N SER B 198 2.83 -44.97 -6.26
CA SER B 198 4.28 -45.07 -6.18
C SER B 198 4.82 -44.63 -4.81
N LEU B 199 3.91 -44.53 -3.82
CA LEU B 199 4.27 -44.24 -2.44
C LEU B 199 4.74 -45.49 -1.68
N GLY B 200 5.71 -46.21 -2.24
CA GLY B 200 6.23 -47.43 -1.63
C GLY B 200 7.31 -48.08 -2.47
N THR B 201 7.68 -47.41 -3.56
CA THR B 201 8.81 -47.79 -4.38
C THR B 201 9.61 -46.54 -4.74
N GLN B 202 9.19 -45.41 -4.21
CA GLN B 202 9.85 -44.15 -4.47
C GLN B 202 9.91 -43.34 -3.20
N THR B 203 11.12 -43.10 -2.73
CA THR B 203 11.34 -42.17 -1.63
C THR B 203 11.25 -40.76 -2.18
N TYR B 204 10.59 -39.87 -1.43
CA TYR B 204 10.52 -38.48 -1.82
C TYR B 204 11.30 -37.64 -0.82
N ILE B 205 12.36 -36.99 -1.31
CA ILE B 205 13.23 -36.17 -0.48
C ILE B 205 13.24 -34.73 -0.99
N CYS B 206 12.97 -33.77 -0.11
CA CYS B 206 13.15 -32.37 -0.48
C CYS B 206 14.51 -31.88 -0.02
N ASN B 207 15.21 -31.22 -0.94
CA ASN B 207 16.53 -30.68 -0.70
C ASN B 207 16.45 -29.16 -0.58
N VAL B 208 16.75 -28.67 0.61
CA VAL B 208 16.70 -27.24 0.90
C VAL B 208 18.12 -26.70 1.08
N ASN B 209 18.46 -25.67 0.32
CA ASN B 209 19.74 -24.97 0.42
C ASN B 209 19.52 -23.50 0.72
N HIS B 210 20.15 -23.03 1.80
CA HIS B 210 20.08 -21.64 2.24
C HIS B 210 21.50 -21.07 2.30
N LYS B 211 21.89 -20.42 1.21
CA LYS B 211 23.24 -19.85 1.10
C LYS B 211 23.65 -18.96 2.28
N PRO B 212 22.84 -17.94 2.63
CA PRO B 212 23.19 -17.01 3.70
C PRO B 212 23.65 -17.64 5.01
N SER B 213 23.10 -18.79 5.37
CA SER B 213 23.52 -19.47 6.61
C SER B 213 24.31 -20.74 6.32
N ASN B 214 24.57 -20.98 5.03
CA ASN B 214 25.33 -22.13 4.53
C ASN B 214 24.77 -23.48 5.00
N THR B 215 23.44 -23.57 5.02
CA THR B 215 22.72 -24.73 5.52
C THR B 215 22.07 -25.49 4.36
N LYS B 216 22.36 -26.79 4.29
CA LYS B 216 21.69 -27.70 3.37
C LYS B 216 20.95 -28.76 4.16
N VAL B 217 19.68 -28.96 3.87
CA VAL B 217 18.86 -29.96 4.56
C VAL B 217 18.14 -30.86 3.56
N ASP B 218 18.26 -32.18 3.76
CA ASP B 218 17.54 -33.16 2.96
C ASP B 218 16.51 -33.90 3.82
N LYS B 219 15.24 -33.56 3.66
CA LYS B 219 14.16 -34.20 4.42
C LYS B 219 13.36 -35.20 3.57
N LYS B 220 13.29 -36.44 4.04
CA LYS B 220 12.44 -37.46 3.43
C LYS B 220 10.99 -37.36 3.90
N VAL B 221 10.04 -37.36 2.96
CA VAL B 221 8.63 -37.25 3.30
C VAL B 221 7.90 -38.58 3.07
N GLU B 222 7.16 -39.01 4.08
CA GLU B 222 6.51 -40.33 4.11
C GLU B 222 5.10 -40.23 4.70
N PRO B 223 4.26 -41.27 4.52
CA PRO B 223 2.96 -41.27 5.20
C PRO B 223 3.16 -41.44 6.71
N LYS B 224 2.30 -40.85 7.52
CA LYS B 224 2.49 -40.83 8.99
C LYS B 224 2.81 -42.19 9.62
N SER C 2 5.02 20.00 -25.80
CA SER C 2 6.18 19.77 -24.92
C SER C 2 7.33 19.56 -25.87
N HIS C 3 7.53 20.59 -26.68
CA HIS C 3 8.15 20.47 -27.99
C HIS C 3 9.57 21.00 -28.10
N MET C 4 10.28 20.56 -29.14
CA MET C 4 11.64 21.02 -29.42
C MET C 4 11.71 21.85 -30.71
N GLN C 5 12.76 22.65 -30.84
CA GLN C 5 12.97 23.45 -32.05
C GLN C 5 13.68 22.66 -33.13
N ILE C 6 13.13 22.69 -34.35
CA ILE C 6 13.82 22.09 -35.49
C ILE C 6 13.80 23.05 -36.66
N PHE C 7 14.73 22.83 -37.58
CA PHE C 7 14.89 23.71 -38.71
C PHE C 7 14.66 22.95 -40.00
N VAL C 8 13.93 23.59 -40.91
CA VAL C 8 13.70 23.06 -42.25
C VAL C 8 14.32 24.01 -43.27
N LYS C 9 15.27 23.49 -44.04
CA LYS C 9 15.97 24.26 -45.08
C LYS C 9 15.51 23.85 -46.47
N THR C 10 15.30 24.84 -47.33
CA THR C 10 15.03 24.58 -48.75
C THR C 10 16.33 24.82 -49.51
N LEU C 11 16.37 24.46 -50.78
CA LEU C 11 17.51 24.83 -51.62
C LEU C 11 17.71 26.36 -51.59
N THR C 12 16.60 27.08 -51.77
CA THR C 12 16.60 28.55 -51.92
C THR C 12 17.38 29.30 -50.85
N GLY C 13 17.60 28.64 -49.71
CA GLY C 13 18.40 29.20 -48.63
C GLY C 13 17.58 29.53 -47.40
N LYS C 14 16.27 29.70 -47.59
CA LYS C 14 15.38 30.03 -46.48
C LYS C 14 15.27 28.89 -45.46
N THR C 15 15.36 29.25 -44.19
CA THR C 15 15.22 28.33 -43.08
C THR C 15 13.91 28.61 -42.34
N ILE C 16 13.20 27.52 -41.99
CA ILE C 16 11.94 27.61 -41.28
C ILE C 16 12.10 27.02 -39.89
N THR C 17 11.72 27.79 -38.87
CA THR C 17 11.78 27.34 -37.48
C THR C 17 10.43 26.75 -37.05
N LEU C 18 10.45 25.50 -36.63
CA LEU C 18 9.25 24.80 -36.15
C LEU C 18 9.36 24.38 -34.69
N GLU C 19 8.20 24.24 -34.05
CA GLU C 19 8.11 23.66 -32.72
C GLU C 19 7.39 22.33 -32.86
N VAL C 20 8.09 21.23 -32.65
CA VAL C 20 7.50 19.89 -32.82
C VAL C 20 7.86 18.92 -31.69
N GLU C 21 6.91 18.04 -31.38
CA GLU C 21 7.12 16.95 -30.44
C GLU C 21 7.94 15.85 -31.11
N PRO C 22 8.83 15.17 -30.35
CA PRO C 22 9.49 14.00 -30.91
C PRO C 22 8.49 12.92 -31.34
N SER C 23 7.32 12.89 -30.69
CA SER C 23 6.26 11.92 -31.01
C SER C 23 5.32 12.35 -32.14
N ASP C 24 5.54 13.53 -32.72
CA ASP C 24 4.78 14.02 -33.88
C ASP C 24 5.10 13.20 -35.12
N THR C 25 4.14 13.08 -36.03
CA THR C 25 4.39 12.38 -37.28
C THR C 25 5.04 13.30 -38.29
N ILE C 26 5.65 12.72 -39.32
CA ILE C 26 6.17 13.50 -40.45
C ILE C 26 5.01 14.16 -41.20
N GLU C 27 3.84 13.52 -41.15
CA GLU C 27 2.61 14.11 -41.67
C GLU C 27 2.31 15.44 -40.98
N ASN C 28 2.47 15.48 -39.65
CA ASN C 28 2.23 16.70 -38.86
C ASN C 28 3.19 17.84 -39.20
N VAL C 29 4.46 17.50 -39.38
CA VAL C 29 5.48 18.49 -39.72
C VAL C 29 5.18 19.12 -41.08
N LYS C 30 4.90 18.30 -42.08
CA LYS C 30 4.50 18.79 -43.40
C LYS C 30 3.33 19.76 -43.28
N ALA C 31 2.38 19.42 -42.41
CA ALA C 31 1.22 20.27 -42.13
C ALA C 31 1.63 21.61 -41.54
N LYS C 32 2.62 21.58 -40.64
CA LYS C 32 3.16 22.80 -40.04
C LYS C 32 3.91 23.64 -41.05
N ILE C 33 4.62 22.97 -41.96
CA ILE C 33 5.30 23.67 -43.05
C ILE C 33 4.26 24.30 -43.99
N GLN C 34 3.14 23.61 -44.17
CA GLN C 34 2.02 24.13 -44.96
C GLN C 34 1.42 25.40 -44.36
N ASP C 35 1.29 25.44 -43.03
CA ASP C 35 0.78 26.62 -42.34
C ASP C 35 1.69 27.84 -42.49
N LYS C 36 3.00 27.63 -42.36
CA LYS C 36 3.95 28.75 -42.38
C LYS C 36 4.41 29.21 -43.77
N GLU C 37 4.25 28.37 -44.79
CA GLU C 37 4.75 28.70 -46.13
C GLU C 37 3.71 28.65 -47.25
N GLY C 38 2.66 27.87 -47.04
CA GLY C 38 1.63 27.68 -48.07
C GLY C 38 1.91 26.49 -48.97
N ILE C 39 2.95 25.71 -48.62
CA ILE C 39 3.36 24.56 -49.43
C ILE C 39 2.54 23.31 -49.07
N PRO C 40 1.67 22.83 -49.99
CA PRO C 40 0.92 21.59 -49.73
C PRO C 40 1.82 20.40 -49.40
N PRO C 41 1.36 19.51 -48.49
CA PRO C 41 2.14 18.36 -48.01
C PRO C 41 2.46 17.31 -49.09
N ASP C 42 1.52 17.09 -50.00
CA ASP C 42 1.70 16.10 -51.06
C ASP C 42 2.79 16.49 -52.08
N GLN C 43 3.14 17.79 -52.09
CA GLN C 43 4.22 18.30 -52.92
C GLN C 43 5.54 18.39 -52.16
N GLN C 44 5.49 18.18 -50.84
CA GLN C 44 6.66 18.26 -49.98
C GLN C 44 7.43 16.94 -49.94
N ARG C 45 8.75 17.03 -49.84
CA ARG C 45 9.60 15.89 -49.53
C ARG C 45 10.65 16.31 -48.50
N LEU C 46 10.68 15.62 -47.36
CA LEU C 46 11.58 15.95 -46.26
C LEU C 46 12.74 14.97 -46.17
N ILE C 47 13.94 15.52 -45.96
CA ILE C 47 15.17 14.73 -45.92
C ILE C 47 15.92 14.94 -44.60
N PHE C 48 16.20 13.84 -43.89
CA PHE C 48 17.09 13.90 -42.72
C PHE C 48 18.23 12.92 -42.81
N ALA C 49 19.45 13.42 -42.55
CA ALA C 49 20.69 12.64 -42.64
C ALA C 49 20.79 11.82 -43.93
N GLY C 50 20.38 12.42 -45.05
CA GLY C 50 20.51 11.81 -46.37
C GLY C 50 19.38 10.90 -46.82
N LYS C 51 18.43 10.64 -45.92
CA LYS C 51 17.30 9.75 -46.21
C LYS C 51 15.98 10.52 -46.26
N GLN C 52 15.02 9.99 -47.02
CA GLN C 52 13.69 10.58 -47.10
C GLN C 52 12.82 10.07 -45.96
N LEU C 53 12.08 11.00 -45.37
CA LEU C 53 11.24 10.70 -44.22
C LEU C 53 9.84 10.25 -44.66
N GLU C 54 9.34 9.19 -44.04
CA GLU C 54 8.04 8.60 -44.40
C GLU C 54 6.92 9.16 -43.53
N ASP C 55 5.78 9.40 -44.15
CA ASP C 55 4.68 10.15 -43.52
C ASP C 55 4.19 9.64 -42.16
N GLY C 56 4.03 8.33 -42.03
CA GLY C 56 3.48 7.74 -40.83
C GLY C 56 4.44 7.65 -39.65
N ARG C 57 5.72 7.95 -39.91
CA ARG C 57 6.76 7.82 -38.89
C ARG C 57 6.93 9.09 -38.07
N THR C 58 7.54 8.96 -36.89
CA THR C 58 7.74 10.09 -35.96
C THR C 58 9.16 10.64 -36.02
N LEU C 59 9.34 11.87 -35.54
CA LEU C 59 10.66 12.46 -35.43
C LEU C 59 11.59 11.57 -34.58
N SER C 60 11.01 10.86 -33.63
CA SER C 60 11.80 10.00 -32.77
C SER C 60 12.22 8.71 -33.49
N ASP C 61 11.43 8.29 -34.47
CA ASP C 61 11.78 7.13 -35.29
C ASP C 61 13.10 7.39 -36.03
N TYR C 62 13.26 8.64 -36.49
CA TYR C 62 14.41 9.02 -37.30
C TYR C 62 15.56 9.66 -36.50
N ASN C 63 15.47 9.58 -35.16
CA ASN C 63 16.44 10.21 -34.25
C ASN C 63 16.65 11.71 -34.49
N ILE C 64 15.56 12.40 -34.84
CA ILE C 64 15.57 13.84 -35.02
C ILE C 64 15.60 14.50 -33.64
N GLN C 65 16.59 15.37 -33.43
CA GLN C 65 16.88 15.88 -32.10
C GLN C 65 16.73 17.40 -31.98
N LYS C 66 17.09 17.93 -30.78
CA LYS C 66 17.00 19.38 -30.52
C LYS C 66 17.88 20.10 -31.47
N GLU C 67 17.18 21.08 -32.21
CA GLU C 67 17.87 21.99 -33.13
C GLU C 67 18.39 21.30 -34.39
N SER C 68 17.97 20.06 -34.60
CA SER C 68 18.27 19.31 -35.82
C SER C 68 17.69 20.03 -37.01
N THR C 69 18.31 19.81 -38.16
CA THR C 69 17.90 20.43 -39.40
C THR C 69 17.39 19.37 -40.38
N LEU C 70 16.19 19.62 -40.90
CA LEU C 70 15.66 18.84 -42.02
C LEU C 70 15.76 19.66 -43.28
N HIS C 71 15.80 18.98 -44.43
CA HIS C 71 15.81 19.65 -45.72
C HIS C 71 14.49 19.40 -46.46
N LEU C 72 14.03 20.44 -47.14
CA LEU C 72 12.78 20.37 -47.89
C LEU C 72 13.05 20.41 -49.39
N VAL C 73 12.56 19.39 -50.09
CA VAL C 73 12.66 19.29 -51.55
C VAL C 73 11.25 19.25 -52.11
N LEU C 74 10.96 20.16 -53.05
CA LEU C 74 9.62 20.30 -53.63
C LEU C 74 9.41 19.39 -54.83
N ARG C 75 8.14 19.01 -55.06
CA ARG C 75 7.78 18.08 -56.15
C ARG C 75 7.25 18.77 -57.40
N LEU C 76 7.77 18.34 -58.55
CA LEU C 76 7.27 18.73 -59.87
C LEU C 76 7.85 17.84 -60.97
N MET D 4 47.61 25.82 -36.88
CA MET D 4 46.50 26.42 -36.07
C MET D 4 45.97 25.49 -34.97
N GLN D 5 45.65 26.08 -33.82
CA GLN D 5 44.92 25.41 -32.75
C GLN D 5 43.57 26.11 -32.57
N ILE D 6 42.51 25.34 -32.38
CA ILE D 6 41.23 25.93 -32.02
C ILE D 6 40.91 25.63 -30.57
N PHE D 7 40.04 26.45 -29.98
CA PHE D 7 39.61 26.25 -28.61
C PHE D 7 38.13 25.89 -28.54
N VAL D 8 37.81 24.90 -27.71
CA VAL D 8 36.45 24.40 -27.60
C VAL D 8 35.99 24.50 -26.13
N LYS D 9 34.93 25.26 -25.91
CA LYS D 9 34.39 25.48 -24.56
C LYS D 9 33.28 24.49 -24.20
N THR D 10 33.42 23.89 -23.02
CA THR D 10 32.37 23.01 -22.47
C THR D 10 31.47 23.79 -21.53
N LEU D 11 30.35 23.18 -21.17
CA LEU D 11 29.39 23.78 -20.26
C LEU D 11 29.98 24.01 -18.85
N THR D 12 30.84 23.09 -18.43
CA THR D 12 31.52 23.18 -17.12
C THR D 12 32.56 24.32 -17.04
N GLY D 13 33.02 24.77 -18.19
CA GLY D 13 34.02 25.83 -18.28
C GLY D 13 35.42 25.33 -18.60
N LYS D 14 35.52 24.05 -18.99
CA LYS D 14 36.79 23.46 -19.37
C LYS D 14 37.09 23.75 -20.84
N THR D 15 38.33 24.14 -21.12
CA THR D 15 38.76 24.42 -22.49
C THR D 15 39.46 23.21 -23.10
N ILE D 16 39.04 22.85 -24.30
CA ILE D 16 39.65 21.78 -25.08
C ILE D 16 40.47 22.43 -26.20
N THR D 17 41.74 22.05 -26.30
CA THR D 17 42.62 22.59 -27.32
C THR D 17 42.86 21.52 -28.38
N LEU D 18 42.57 21.89 -29.64
CA LEU D 18 42.67 20.95 -30.75
C LEU D 18 43.70 21.38 -31.79
N GLU D 19 44.29 20.40 -32.46
CA GLU D 19 45.19 20.66 -33.57
C GLU D 19 44.43 20.39 -34.86
N VAL D 20 44.32 21.40 -35.71
CA VAL D 20 43.51 21.31 -36.93
C VAL D 20 44.15 21.99 -38.13
N GLU D 21 43.60 21.69 -39.30
CA GLU D 21 43.95 22.36 -40.55
C GLU D 21 42.68 23.00 -41.12
N PRO D 22 42.82 24.14 -41.84
CA PRO D 22 41.65 24.81 -42.44
C PRO D 22 40.77 23.88 -43.27
N SER D 23 41.39 22.86 -43.88
CA SER D 23 40.68 21.90 -44.73
C SER D 23 39.86 20.87 -43.95
N ASP D 24 40.13 20.75 -42.65
CA ASP D 24 39.39 19.83 -41.78
C ASP D 24 37.92 20.22 -41.68
N THR D 25 37.06 19.23 -41.94
CA THR D 25 35.61 19.41 -41.85
C THR D 25 35.15 19.40 -40.39
N ILE D 26 33.89 19.72 -40.16
CA ILE D 26 33.33 19.71 -38.80
C ILE D 26 33.31 18.27 -38.28
N GLU D 27 33.01 17.32 -39.17
CA GLU D 27 33.09 15.89 -38.84
C GLU D 27 34.47 15.54 -38.31
N ASN D 28 35.51 15.94 -39.04
CA ASN D 28 36.89 15.76 -38.60
C ASN D 28 37.20 16.42 -37.26
N VAL D 29 36.71 17.64 -37.07
CA VAL D 29 36.89 18.38 -35.82
C VAL D 29 36.26 17.64 -34.65
N LYS D 30 35.02 17.20 -34.84
CA LYS D 30 34.29 16.43 -33.83
C LYS D 30 35.03 15.14 -33.49
N ALA D 31 35.53 14.45 -34.51
CA ALA D 31 36.28 13.21 -34.36
C ALA D 31 37.56 13.40 -33.53
N LYS D 32 38.15 14.59 -33.63
CA LYS D 32 39.33 14.93 -32.83
C LYS D 32 38.97 15.25 -31.39
N ILE D 33 37.72 15.69 -31.17
CA ILE D 33 37.18 15.89 -29.82
C ILE D 33 36.95 14.55 -29.11
N GLN D 34 36.51 13.56 -29.88
CA GLN D 34 36.29 12.20 -29.37
C GLN D 34 37.57 11.65 -28.75
N ASP D 35 38.69 11.88 -29.42
CA ASP D 35 39.99 11.38 -28.98
C ASP D 35 40.38 11.87 -27.59
N LYS D 36 39.90 13.06 -27.22
CA LYS D 36 40.34 13.69 -25.97
C LYS D 36 39.33 13.62 -24.83
N GLU D 37 38.04 13.60 -25.15
CA GLU D 37 37.00 13.55 -24.13
C GLU D 37 36.26 12.20 -24.09
N GLY D 38 36.33 11.46 -25.19
CA GLY D 38 35.67 10.17 -25.30
C GLY D 38 34.21 10.31 -25.67
N ILE D 39 33.86 11.45 -26.27
CA ILE D 39 32.50 11.76 -26.68
C ILE D 39 32.32 11.51 -28.18
N PRO D 40 31.53 10.48 -28.55
CA PRO D 40 31.24 10.16 -29.96
C PRO D 40 30.58 11.33 -30.69
N PRO D 41 30.94 11.54 -31.97
CA PRO D 41 30.56 12.74 -32.71
C PRO D 41 29.07 12.99 -32.82
N ASP D 42 28.26 11.94 -32.91
CA ASP D 42 26.79 12.08 -33.01
C ASP D 42 26.21 12.84 -31.81
N GLN D 43 26.83 12.68 -30.66
CA GLN D 43 26.42 13.37 -29.44
C GLN D 43 27.04 14.75 -29.27
N GLN D 44 27.71 15.26 -30.31
CA GLN D 44 28.35 16.56 -30.25
C GLN D 44 27.63 17.57 -31.11
N ARG D 45 27.48 18.77 -30.59
CA ARG D 45 26.90 19.89 -31.33
C ARG D 45 27.83 21.09 -31.14
N LEU D 46 28.44 21.55 -32.23
CA LEU D 46 29.42 22.64 -32.15
C LEU D 46 28.88 23.99 -32.61
N ILE D 47 29.26 25.03 -31.86
CA ILE D 47 28.79 26.39 -32.12
C ILE D 47 29.97 27.33 -32.34
N PHE D 48 29.86 28.16 -33.38
CA PHE D 48 30.80 29.26 -33.55
C PHE D 48 30.03 30.58 -33.69
N ALA D 49 30.23 31.47 -32.72
CA ALA D 49 29.62 32.81 -32.71
C ALA D 49 28.10 32.80 -32.91
N GLY D 50 27.45 31.75 -32.41
CA GLY D 50 25.99 31.65 -32.49
C GLY D 50 25.45 30.68 -33.52
N LYS D 51 26.29 30.30 -34.48
CA LYS D 51 25.89 29.40 -35.56
C LYS D 51 26.23 27.94 -35.23
N GLN D 52 25.24 27.06 -35.41
CA GLN D 52 25.46 25.62 -35.34
C GLN D 52 26.23 25.21 -36.59
N LEU D 53 27.25 24.37 -36.42
CA LEU D 53 28.12 23.97 -37.51
C LEU D 53 27.67 22.67 -38.18
N GLU D 54 27.71 22.67 -39.50
CA GLU D 54 27.27 21.51 -40.30
C GLU D 54 28.44 20.57 -40.60
N ASP D 55 28.22 19.28 -40.39
CA ASP D 55 29.27 18.23 -40.49
C ASP D 55 30.00 18.12 -41.84
N GLY D 56 29.34 18.55 -42.91
CA GLY D 56 29.91 18.47 -44.26
C GLY D 56 30.80 19.64 -44.66
N ARG D 57 30.88 20.65 -43.80
CA ARG D 57 31.60 21.88 -44.10
C ARG D 57 32.97 21.97 -43.42
N THR D 58 33.89 22.66 -44.08
CA THR D 58 35.25 22.89 -43.58
C THR D 58 35.30 24.03 -42.58
N LEU D 59 36.42 24.14 -41.85
CA LEU D 59 36.69 25.31 -41.01
C LEU D 59 36.76 26.60 -41.82
N SER D 60 37.27 26.51 -43.05
CA SER D 60 37.40 27.70 -43.89
C SER D 60 36.07 28.15 -44.50
N ASP D 61 35.11 27.21 -44.59
CA ASP D 61 33.75 27.53 -45.06
C ASP D 61 33.07 28.50 -44.12
N TYR D 62 33.24 28.27 -42.83
CA TYR D 62 32.70 29.15 -41.80
C TYR D 62 33.68 30.27 -41.46
N ASN D 63 34.82 30.29 -42.16
CA ASN D 63 35.87 31.29 -41.98
C ASN D 63 36.40 31.33 -40.55
N ILE D 64 36.64 30.13 -40.01
CA ILE D 64 37.22 29.96 -38.68
C ILE D 64 38.74 29.95 -38.83
N GLN D 65 39.41 30.85 -38.13
CA GLN D 65 40.86 31.00 -38.22
C GLN D 65 41.56 30.55 -36.92
N ARG D 66 42.87 30.80 -36.83
CA ARG D 66 43.66 30.35 -35.69
C ARG D 66 43.21 30.97 -34.36
N GLU D 67 43.15 30.11 -33.34
CA GLU D 67 42.82 30.49 -31.96
C GLU D 67 41.39 31.03 -31.72
N SER D 68 40.51 30.80 -32.69
CA SER D 68 39.08 31.10 -32.54
C SER D 68 38.45 30.11 -31.55
N THR D 69 37.47 30.59 -30.79
CA THR D 69 36.80 29.72 -29.80
C THR D 69 35.47 29.16 -30.31
N LEU D 70 35.32 27.84 -30.21
CA LEU D 70 34.07 27.15 -30.51
C LEU D 70 33.41 26.70 -29.21
N HIS D 71 32.10 26.45 -29.27
CA HIS D 71 31.36 25.97 -28.11
C HIS D 71 30.83 24.58 -28.33
N LEU D 72 30.94 23.74 -27.30
CA LEU D 72 30.48 22.35 -27.38
C LEU D 72 29.33 22.07 -26.42
N VAL D 73 28.18 21.73 -27.00
CA VAL D 73 27.00 21.30 -26.25
C VAL D 73 26.78 19.81 -26.52
N LEU D 74 26.67 19.03 -25.45
CA LEU D 74 26.57 17.57 -25.55
C LEU D 74 25.13 17.05 -25.57
N ARG D 75 24.94 15.93 -26.28
CA ARG D 75 23.65 15.24 -26.34
C ARG D 75 23.71 14.03 -25.42
N LEU D 76 23.30 14.25 -24.18
CA LEU D 76 23.34 13.21 -23.19
C LEU D 76 21.94 12.71 -22.92
N ARG D 77 20.98 13.63 -22.91
CA ARG D 77 19.57 13.28 -22.77
C ARG D 77 18.87 13.63 -24.07
N GLY D 78 17.93 12.78 -24.48
CA GLY D 78 17.33 12.88 -25.80
C GLY D 78 16.20 13.87 -25.96
N GLY D 79 15.75 14.50 -24.82
CA GLY D 79 14.62 15.47 -24.84
C GLY D 79 14.91 16.67 -25.70
N THR E 6 -2.79 2.44 7.15
CA THR E 6 -2.02 2.48 5.88
C THR E 6 -2.50 1.47 4.82
N GLN E 7 -3.22 0.43 5.27
CA GLN E 7 -3.67 -0.62 4.35
C GLN E 7 -5.16 -0.99 4.48
N SER E 8 -5.75 -1.33 3.34
CA SER E 8 -7.16 -1.75 3.25
C SER E 8 -7.51 -2.89 4.23
N PRO E 9 -8.59 -2.73 5.00
CA PRO E 9 -9.01 -3.76 5.96
C PRO E 9 -9.39 -5.07 5.28
N SER E 10 -9.04 -6.18 5.88
CA SER E 10 -9.34 -7.48 5.28
C SER E 10 -10.75 -7.96 5.66
N SER E 11 -11.18 -9.05 5.03
CA SER E 11 -12.59 -9.42 5.04
C SER E 11 -12.83 -10.80 5.63
N LEU E 12 -13.82 -10.90 6.52
CA LEU E 12 -14.24 -12.19 7.06
C LEU E 12 -15.77 -12.36 6.98
N SER E 13 -16.26 -13.41 6.31
CA SER E 13 -17.72 -13.66 6.25
C SER E 13 -18.25 -14.74 7.19
N ALA E 14 -19.30 -14.39 7.93
CA ALA E 14 -19.92 -15.32 8.88
C ALA E 14 -21.43 -15.18 8.93
N SER E 15 -22.08 -16.02 9.74
CA SER E 15 -23.52 -15.97 9.93
C SER E 15 -23.85 -15.58 11.35
N VAL E 16 -24.98 -14.90 11.54
CA VAL E 16 -25.54 -14.73 12.86
C VAL E 16 -25.43 -16.09 13.54
N GLY E 17 -24.91 -16.12 14.77
CA GLY E 17 -24.77 -17.38 15.50
C GLY E 17 -23.38 -17.99 15.45
N ASP E 18 -22.54 -17.56 14.52
CA ASP E 18 -21.19 -18.10 14.38
C ASP E 18 -20.28 -17.65 15.54
N ARG E 19 -19.28 -18.47 15.87
CA ARG E 19 -18.18 -18.10 16.76
C ARG E 19 -17.04 -17.58 15.88
N VAL E 20 -16.48 -16.43 16.23
CA VAL E 20 -15.47 -15.78 15.40
C VAL E 20 -14.35 -15.34 16.31
N THR E 21 -13.12 -15.75 16.00
CA THR E 21 -11.94 -15.28 16.73
C THR E 21 -10.97 -14.62 15.78
N ILE E 22 -10.61 -13.39 16.10
CA ILE E 22 -9.70 -12.59 15.30
C ILE E 22 -8.39 -12.50 16.08
N THR E 23 -7.27 -12.77 15.42
CA THR E 23 -6.00 -12.67 16.12
C THR E 23 -5.20 -11.46 15.62
N CYS E 24 -4.73 -10.68 16.58
CA CYS E 24 -4.01 -9.42 16.33
C CYS E 24 -2.64 -9.67 15.74
N ARG E 25 -2.29 -8.86 14.75
CA ARG E 25 -1.02 -9.01 14.06
C ARG E 25 -0.29 -7.67 13.97
N ALA E 26 -0.44 -6.82 14.99
CA ALA E 26 -0.06 -5.40 14.89
C ALA E 26 1.40 -4.97 15.19
N SER E 27 2.14 -5.69 16.06
CA SER E 27 3.45 -5.17 16.50
C SER E 27 4.61 -6.08 16.91
N GLN E 28 4.33 -7.28 17.42
CA GLN E 28 5.37 -8.14 18.08
C GLN E 28 5.69 -7.72 19.53
N SER E 29 5.25 -6.52 19.91
CA SER E 29 5.34 -6.04 21.28
C SER E 29 4.79 -7.07 22.27
N VAL E 30 5.56 -7.31 23.32
CA VAL E 30 5.22 -8.34 24.31
C VAL E 30 4.25 -7.77 25.35
N SER E 31 3.93 -6.49 25.23
CA SER E 31 3.05 -5.79 26.14
C SER E 31 1.65 -6.38 26.17
N SER E 32 1.18 -6.64 27.39
CA SER E 32 -0.14 -7.18 27.62
C SER E 32 -1.24 -6.14 27.45
N ALA E 33 -0.85 -4.87 27.36
CA ALA E 33 -1.81 -3.78 27.17
C ALA E 33 -2.26 -3.74 25.73
N VAL E 34 -3.27 -4.56 25.42
CA VAL E 34 -3.81 -4.68 24.08
C VAL E 34 -5.30 -4.41 24.13
N ALA E 35 -5.77 -3.50 23.27
CA ALA E 35 -7.15 -3.07 23.26
C ALA E 35 -7.78 -3.40 21.93
N TRP E 36 -9.08 -3.67 21.97
CA TRP E 36 -9.82 -3.99 20.77
C TRP E 36 -10.94 -2.99 20.60
N TYR E 37 -11.07 -2.51 19.37
CA TYR E 37 -12.09 -1.53 19.02
C TYR E 37 -12.99 -2.03 17.89
N GLN E 38 -14.22 -1.51 17.88
CA GLN E 38 -15.20 -1.80 16.83
C GLN E 38 -15.54 -0.50 16.12
N GLN E 39 -15.72 -0.56 14.81
CA GLN E 39 -16.14 0.63 14.07
C GLN E 39 -17.17 0.30 12.99
N LYS E 40 -18.26 1.06 12.98
CA LYS E 40 -19.26 0.99 11.91
C LYS E 40 -19.04 2.15 10.93
N PRO E 41 -19.29 1.91 9.62
CA PRO E 41 -19.01 2.92 8.59
C PRO E 41 -19.70 4.25 8.86
N GLY E 42 -18.95 5.34 8.71
CA GLY E 42 -19.45 6.69 8.98
C GLY E 42 -19.42 7.12 10.44
N LYS E 43 -18.91 6.26 11.32
CA LYS E 43 -18.91 6.54 12.75
C LYS E 43 -17.56 6.27 13.43
N ALA E 44 -17.44 6.72 14.66
CA ALA E 44 -16.18 6.63 15.41
C ALA E 44 -16.00 5.28 16.10
N PRO E 45 -14.76 4.79 16.21
CA PRO E 45 -14.51 3.51 16.89
C PRO E 45 -15.02 3.52 18.32
N LYS E 46 -15.40 2.35 18.81
CA LYS E 46 -15.83 2.18 20.19
C LYS E 46 -14.97 1.09 20.83
N LEU E 47 -14.52 1.35 22.06
CA LEU E 47 -13.68 0.41 22.77
C LEU E 47 -14.46 -0.81 23.27
N LEU E 48 -13.91 -2.01 23.03
CA LEU E 48 -14.51 -3.27 23.47
C LEU E 48 -13.70 -3.97 24.58
N ILE E 49 -12.46 -4.31 24.27
CA ILE E 49 -11.60 -5.02 25.21
C ILE E 49 -10.42 -4.11 25.53
N TYR E 50 -10.03 -4.11 26.79
CA TYR E 50 -8.79 -3.45 27.22
C TYR E 50 -7.94 -4.43 28.00
N SER E 51 -6.64 -4.23 27.98
CA SER E 51 -5.68 -5.06 28.72
C SER E 51 -5.78 -6.53 28.35
N ALA E 52 -5.93 -6.77 27.04
CA ALA E 52 -5.98 -8.10 26.43
C ALA E 52 -7.27 -8.89 26.64
N SER E 53 -7.81 -8.86 27.86
CA SER E 53 -8.95 -9.72 28.16
C SER E 53 -10.06 -9.09 28.98
N SER E 54 -9.95 -7.79 29.27
CA SER E 54 -10.95 -7.15 30.13
C SER E 54 -12.02 -6.41 29.33
N LEU E 55 -13.28 -6.55 29.75
CA LEU E 55 -14.40 -5.91 29.06
C LEU E 55 -14.60 -4.46 29.50
N TYR E 56 -14.68 -3.55 28.54
CA TYR E 56 -14.96 -2.17 28.83
C TYR E 56 -16.40 -2.00 29.34
N SER E 57 -16.64 -0.94 30.10
CA SER E 57 -17.98 -0.59 30.62
C SER E 57 -19.11 -0.85 29.63
N GLY E 58 -20.05 -1.72 30.04
CA GLY E 58 -21.28 -1.99 29.30
C GLY E 58 -21.13 -2.68 27.96
N VAL E 59 -20.11 -3.54 27.85
CA VAL E 59 -19.87 -4.31 26.64
C VAL E 59 -20.41 -5.71 26.85
N PRO E 60 -21.20 -6.23 25.89
CA PRO E 60 -21.91 -7.51 26.05
C PRO E 60 -20.97 -8.70 26.26
N SER E 61 -21.38 -9.64 27.10
CA SER E 61 -20.51 -10.73 27.55
C SER E 61 -20.04 -11.70 26.45
N ARG E 62 -20.65 -11.59 25.28
CA ARG E 62 -20.31 -12.45 24.15
C ARG E 62 -18.96 -12.08 23.54
N PHE E 63 -18.47 -10.92 23.94
CA PHE E 63 -17.13 -10.47 23.59
C PHE E 63 -16.16 -10.89 24.66
N SER E 64 -15.00 -11.38 24.26
CA SER E 64 -13.90 -11.66 25.17
C SER E 64 -12.58 -11.54 24.45
N GLY E 65 -11.52 -11.39 25.23
CA GLY E 65 -10.17 -11.29 24.68
C GLY E 65 -9.32 -12.31 25.38
N SER E 66 -8.37 -12.88 24.65
CA SER E 66 -7.49 -13.90 25.21
C SER E 66 -6.05 -13.65 24.79
N ARG E 67 -5.15 -14.01 25.70
CA ARG E 67 -3.73 -14.01 25.41
C ARG E 67 -3.29 -15.46 25.43
N SER E 68 -2.55 -15.88 24.40
CA SER E 68 -1.85 -17.16 24.44
C SER E 68 -0.47 -17.05 23.79
N GLY E 69 0.55 -17.04 24.65
CA GLY E 69 1.93 -16.79 24.23
C GLY E 69 2.09 -15.38 23.70
N THR E 70 2.60 -15.27 22.48
CA THR E 70 2.82 -13.98 21.83
C THR E 70 1.57 -13.52 21.06
N ASP E 71 0.50 -14.30 21.16
CA ASP E 71 -0.71 -14.05 20.39
C ASP E 71 -1.88 -13.51 21.22
N PHE E 72 -2.49 -12.44 20.70
CA PHE E 72 -3.66 -11.81 21.30
C PHE E 72 -4.89 -11.98 20.43
N THR E 73 -5.94 -12.60 20.97
CA THR E 73 -7.17 -12.83 20.20
C THR E 73 -8.38 -12.07 20.73
N LEU E 74 -9.29 -11.73 19.82
CA LEU E 74 -10.64 -11.22 20.12
C LEU E 74 -11.69 -12.22 19.61
N THR E 75 -12.49 -12.73 20.54
CA THR E 75 -13.47 -13.77 20.26
C THR E 75 -14.87 -13.20 20.48
N ILE E 76 -15.78 -13.52 19.56
CA ILE E 76 -17.20 -13.24 19.71
C ILE E 76 -17.92 -14.60 19.72
N SER E 77 -18.45 -15.00 20.88
CA SER E 77 -18.96 -16.37 21.04
C SER E 77 -20.13 -16.68 20.13
N SER E 78 -20.92 -15.66 19.80
CA SER E 78 -22.18 -15.84 19.09
C SER E 78 -22.53 -14.53 18.39
N LEU E 79 -22.35 -14.51 17.08
CA LEU E 79 -22.49 -13.31 16.29
C LEU E 79 -23.94 -12.84 16.17
N GLN E 80 -24.20 -11.59 16.54
CA GLN E 80 -25.52 -10.96 16.42
C GLN E 80 -25.48 -9.92 15.30
N PRO E 81 -26.66 -9.59 14.72
CA PRO E 81 -26.70 -8.65 13.60
C PRO E 81 -25.94 -7.34 13.80
N GLU E 82 -25.87 -6.86 15.04
CA GLU E 82 -25.20 -5.59 15.34
C GLU E 82 -23.68 -5.71 15.40
N ASP E 83 -23.17 -6.94 15.34
CA ASP E 83 -21.74 -7.21 15.48
C ASP E 83 -20.99 -7.16 14.16
N PHE E 84 -21.75 -7.08 13.07
CA PHE E 84 -21.13 -6.95 11.75
C PHE E 84 -20.60 -5.55 11.56
N ALA E 85 -19.29 -5.41 11.80
CA ALA E 85 -18.58 -4.14 11.71
C ALA E 85 -17.10 -4.39 11.42
N THR E 86 -16.25 -3.37 11.57
CA THR E 86 -14.82 -3.57 11.43
C THR E 86 -14.17 -3.59 12.81
N TYR E 87 -13.17 -4.45 12.97
CA TYR E 87 -12.50 -4.63 14.25
C TYR E 87 -10.98 -4.32 14.15
N TYR E 88 -10.46 -3.60 15.14
CA TYR E 88 -9.06 -3.18 15.15
C TYR E 88 -8.42 -3.51 16.49
N CYS E 89 -7.18 -3.95 16.49
CA CYS E 89 -6.44 -4.05 17.73
C CYS E 89 -5.42 -2.91 17.85
N GLN E 90 -5.14 -2.55 19.09
CA GLN E 90 -4.19 -1.50 19.41
C GLN E 90 -3.08 -2.11 20.25
N GLN E 91 -1.83 -1.90 19.84
CA GLN E 91 -0.69 -2.42 20.59
C GLN E 91 0.35 -1.34 20.81
N TYR E 92 1.09 -1.49 21.90
CA TYR E 92 2.33 -0.75 22.09
C TYR E 92 3.36 -1.21 21.09
N SER E 93 4.15 -0.27 20.57
CA SER E 93 5.24 -0.61 19.66
C SER E 93 6.31 -1.42 20.37
N SER E 94 7.10 -2.14 19.57
CA SER E 94 8.13 -3.04 20.08
C SER E 94 9.20 -2.35 20.93
N TYR E 95 9.26 -1.02 20.87
CA TYR E 95 10.32 -0.25 21.54
C TYR E 95 9.80 0.95 22.35
N SER E 96 9.22 1.91 21.64
CA SER E 96 8.88 3.21 22.21
C SER E 96 7.45 3.28 22.78
N SER E 97 7.05 4.52 23.09
CA SER E 97 5.74 4.83 23.65
C SER E 97 4.67 5.06 22.57
N LEU E 98 5.02 4.81 21.31
CA LEU E 98 4.04 4.91 20.24
C LEU E 98 3.00 3.79 20.30
N PHE E 99 1.81 4.12 19.81
CA PHE E 99 0.73 3.17 19.64
C PHE E 99 0.69 2.79 18.18
N THR E 100 0.29 1.56 17.90
CA THR E 100 0.04 1.15 16.54
C THR E 100 -1.23 0.30 16.45
N PHE E 101 -2.16 0.77 15.61
CA PHE E 101 -3.37 0.06 15.22
C PHE E 101 -3.11 -1.01 14.16
N GLY E 102 -3.73 -2.18 14.31
CA GLY E 102 -3.63 -3.25 13.31
C GLY E 102 -4.46 -2.98 12.06
N GLN E 103 -4.37 -3.91 11.10
CA GLN E 103 -4.94 -3.76 9.74
C GLN E 103 -6.43 -3.46 9.71
N GLY E 104 -7.21 -4.12 10.57
CA GLY E 104 -8.66 -3.97 10.48
C GLY E 104 -9.33 -5.13 9.76
N THR E 105 -10.26 -5.78 10.45
CA THR E 105 -11.03 -6.91 9.95
C THR E 105 -12.49 -6.51 9.84
N LYS E 106 -13.02 -6.54 8.62
CA LYS E 106 -14.45 -6.31 8.35
C LYS E 106 -15.21 -7.64 8.42
N VAL E 107 -16.04 -7.83 9.45
CA VAL E 107 -16.95 -8.98 9.51
C VAL E 107 -18.26 -8.68 8.75
N GLU E 108 -18.48 -9.43 7.68
CA GLU E 108 -19.65 -9.24 6.82
C GLU E 108 -20.62 -10.44 6.88
N ILE E 109 -21.89 -10.18 6.57
CA ILE E 109 -22.94 -11.19 6.66
C ILE E 109 -22.90 -12.13 5.47
N LYS E 110 -22.89 -13.43 5.76
CA LYS E 110 -22.88 -14.44 4.71
C LYS E 110 -24.31 -14.73 4.29
N ARG E 111 -24.55 -14.69 2.97
CA ARG E 111 -25.81 -15.18 2.43
C ARG E 111 -25.59 -15.99 1.16
N THR E 112 -26.69 -16.41 0.53
CA THR E 112 -26.63 -17.27 -0.64
C THR E 112 -26.13 -16.47 -1.83
N VAL E 113 -25.39 -17.12 -2.73
CA VAL E 113 -24.85 -16.43 -3.91
C VAL E 113 -25.97 -15.79 -4.71
N ALA E 114 -25.80 -14.52 -5.07
CA ALA E 114 -26.74 -13.84 -5.95
C ALA E 114 -25.99 -13.22 -7.11
N ALA E 115 -26.46 -13.50 -8.32
CA ALA E 115 -25.82 -13.08 -9.55
C ALA E 115 -26.14 -11.61 -9.82
N PRO E 116 -25.17 -10.86 -10.36
CA PRO E 116 -25.46 -9.45 -10.55
C PRO E 116 -26.39 -9.23 -11.74
N SER E 117 -27.11 -8.11 -11.73
CA SER E 117 -27.83 -7.68 -12.91
C SER E 117 -27.02 -6.57 -13.53
N VAL E 118 -26.54 -6.81 -14.74
CA VAL E 118 -25.63 -5.91 -15.42
C VAL E 118 -26.38 -4.93 -16.31
N PHE E 119 -26.00 -3.67 -16.22
CA PHE E 119 -26.50 -2.63 -17.13
C PHE E 119 -25.34 -1.80 -17.60
N ILE E 120 -25.46 -1.24 -18.80
CA ILE E 120 -24.45 -0.37 -19.38
C ILE E 120 -25.12 0.93 -19.84
N PHE E 121 -24.40 2.05 -19.65
CA PHE E 121 -24.90 3.36 -20.04
C PHE E 121 -23.86 4.06 -20.89
N PRO E 122 -24.20 4.35 -22.16
CA PRO E 122 -23.34 5.20 -22.99
C PRO E 122 -23.26 6.61 -22.41
N PRO E 123 -22.28 7.42 -22.87
CA PRO E 123 -22.21 8.81 -22.42
C PRO E 123 -23.38 9.65 -22.95
N SER E 124 -23.89 10.55 -22.11
CA SER E 124 -24.91 11.51 -22.55
C SER E 124 -24.32 12.47 -23.58
N ASP E 125 -25.15 12.90 -24.53
CA ASP E 125 -24.75 13.88 -25.53
C ASP E 125 -24.23 15.15 -24.87
N GLU E 126 -24.82 15.46 -23.72
CA GLU E 126 -24.43 16.63 -22.94
C GLU E 126 -22.98 16.55 -22.46
N GLN E 127 -22.51 15.35 -22.13
CA GLN E 127 -21.13 15.17 -21.72
C GLN E 127 -20.18 15.26 -22.91
N LEU E 128 -20.58 14.73 -24.06
CA LEU E 128 -19.74 14.76 -25.26
C LEU E 128 -19.44 16.17 -25.73
N LYS E 129 -20.37 17.09 -25.48
CA LYS E 129 -20.19 18.49 -25.82
C LYS E 129 -18.94 19.09 -25.17
N SER E 130 -18.55 18.48 -24.04
CA SER E 130 -17.50 19.03 -23.18
C SER E 130 -16.15 18.34 -23.33
N GLY E 131 -16.06 17.38 -24.24
CA GLY E 131 -14.77 16.77 -24.58
C GLY E 131 -14.39 15.48 -23.87
N THR E 132 -15.27 14.99 -23.00
CA THR E 132 -15.02 13.69 -22.35
C THR E 132 -16.18 12.72 -22.51
N ALA E 133 -15.84 11.44 -22.55
CA ALA E 133 -16.83 10.38 -22.60
C ALA E 133 -16.67 9.47 -21.38
N SER E 134 -17.78 9.19 -20.71
CA SER E 134 -17.80 8.21 -19.61
C SER E 134 -18.85 7.15 -19.88
N VAL E 135 -18.41 5.90 -19.91
CA VAL E 135 -19.32 4.77 -20.03
C VAL E 135 -19.44 4.16 -18.66
N VAL E 136 -20.66 3.91 -18.22
CA VAL E 136 -20.87 3.32 -16.91
C VAL E 136 -21.47 1.92 -17.05
N CYS E 137 -20.90 0.97 -16.33
CA CYS E 137 -21.38 -0.40 -16.29
C CYS E 137 -21.77 -0.66 -14.84
N LEU E 138 -23.02 -1.03 -14.62
CA LEU E 138 -23.49 -1.24 -13.26
C LEU E 138 -23.82 -2.71 -13.02
N LEU E 139 -23.30 -3.23 -11.91
CA LEU E 139 -23.58 -4.60 -11.50
C LEU E 139 -24.44 -4.45 -10.27
N ASN E 140 -25.69 -4.88 -10.35
CA ASN E 140 -26.65 -4.56 -9.30
C ASN E 140 -27.01 -5.71 -8.40
N ASN E 141 -26.97 -5.45 -7.10
CA ASN E 141 -27.39 -6.39 -6.06
C ASN E 141 -26.87 -7.82 -6.21
N PHE E 142 -25.61 -8.02 -5.86
CA PHE E 142 -24.97 -9.34 -5.92
C PHE E 142 -24.31 -9.74 -4.60
N TYR E 143 -23.99 -11.02 -4.48
CA TYR E 143 -23.16 -11.52 -3.40
C TYR E 143 -22.52 -12.82 -3.91
N PRO E 144 -21.22 -13.04 -3.64
CA PRO E 144 -20.31 -12.25 -2.81
C PRO E 144 -19.73 -11.04 -3.55
N ARG E 145 -18.96 -10.23 -2.83
CA ARG E 145 -18.40 -8.98 -3.36
C ARG E 145 -17.54 -9.19 -4.61
N GLU E 146 -16.90 -10.35 -4.69
CA GLU E 146 -15.87 -10.61 -5.69
C GLU E 146 -16.45 -10.71 -7.08
N ALA E 147 -16.14 -9.71 -7.90
CA ALA E 147 -16.66 -9.64 -9.24
C ALA E 147 -15.57 -9.07 -10.14
N LYS E 148 -15.49 -9.59 -11.35
CA LYS E 148 -14.54 -9.10 -12.32
C LYS E 148 -15.29 -8.38 -13.45
N VAL E 149 -14.82 -7.20 -13.80
CA VAL E 149 -15.41 -6.43 -14.89
C VAL E 149 -14.32 -6.23 -15.91
N GLN E 150 -14.64 -6.44 -17.18
CA GLN E 150 -13.67 -6.27 -18.23
C GLN E 150 -14.26 -5.46 -19.37
N TRP E 151 -13.61 -4.35 -19.66
CA TRP E 151 -14.06 -3.45 -20.71
C TRP E 151 -13.49 -3.87 -22.05
N LYS E 152 -14.33 -3.83 -23.09
CA LYS E 152 -13.89 -4.17 -24.43
C LYS E 152 -14.35 -3.09 -25.37
N VAL E 153 -13.39 -2.51 -26.10
CA VAL E 153 -13.70 -1.49 -27.09
C VAL E 153 -13.29 -2.03 -28.46
N ASP E 154 -14.28 -2.29 -29.31
CA ASP E 154 -14.05 -2.91 -30.63
C ASP E 154 -13.09 -4.10 -30.58
N ASN E 155 -13.38 -5.03 -29.67
CA ASN E 155 -12.57 -6.24 -29.45
C ASN E 155 -11.15 -6.05 -28.90
N ALA E 156 -10.83 -4.82 -28.49
CA ALA E 156 -9.59 -4.56 -27.75
C ALA E 156 -9.89 -4.52 -26.26
N LEU E 157 -9.21 -5.36 -25.50
CA LEU E 157 -9.41 -5.40 -24.05
C LEU E 157 -8.74 -4.20 -23.41
N GLN E 158 -9.50 -3.47 -22.60
CA GLN E 158 -9.00 -2.26 -21.97
C GLN E 158 -8.40 -2.56 -20.60
N SER E 159 -7.46 -1.70 -20.18
CA SER E 159 -6.88 -1.74 -18.83
C SER E 159 -6.24 -0.39 -18.46
N GLY E 160 -6.59 0.12 -17.28
CA GLY E 160 -6.05 1.38 -16.78
C GLY E 160 -6.83 2.63 -17.15
N ASN E 161 -7.90 2.47 -17.90
CA ASN E 161 -8.80 3.59 -18.22
C ASN E 161 -10.18 3.45 -17.58
N SER E 162 -10.24 2.73 -16.47
CA SER E 162 -11.48 2.58 -15.72
C SER E 162 -11.26 2.57 -14.20
N GLN E 163 -12.33 2.91 -13.47
CA GLN E 163 -12.34 2.87 -12.01
C GLN E 163 -13.63 2.24 -11.44
N GLU E 164 -13.51 1.59 -10.29
CA GLU E 164 -14.61 0.87 -9.69
C GLU E 164 -15.05 1.49 -8.38
N SER E 165 -16.34 1.34 -8.07
CA SER E 165 -16.87 1.75 -6.78
C SER E 165 -17.84 0.67 -6.28
N VAL E 166 -17.88 0.45 -4.97
CA VAL E 166 -18.77 -0.56 -4.40
C VAL E 166 -19.51 -0.02 -3.20
N THR E 167 -20.81 -0.27 -3.16
CA THR E 167 -21.60 0.07 -1.99
C THR E 167 -21.23 -0.86 -0.83
N GLU E 168 -21.62 -0.46 0.38
CA GLU E 168 -21.51 -1.36 1.53
C GLU E 168 -22.63 -2.37 1.43
N GLN E 169 -22.41 -3.56 1.98
CA GLN E 169 -23.42 -4.60 2.05
C GLN E 169 -24.75 -3.98 2.46
N ASP E 170 -25.80 -4.20 1.66
CA ASP E 170 -27.13 -3.65 1.96
C ASP E 170 -27.67 -4.12 3.31
N SER E 171 -28.44 -3.24 3.94
CA SER E 171 -29.01 -3.47 5.26
C SER E 171 -30.13 -4.52 5.28
N LYS E 172 -30.84 -4.67 4.17
CA LYS E 172 -31.98 -5.61 4.12
C LYS E 172 -31.63 -6.95 3.48
N ASP E 173 -31.14 -6.94 2.25
CA ASP E 173 -30.90 -8.19 1.53
C ASP E 173 -29.43 -8.67 1.52
N SER E 174 -28.56 -7.89 2.15
CA SER E 174 -27.13 -8.21 2.35
C SER E 174 -26.31 -8.31 1.06
N THR E 175 -26.66 -7.51 0.05
CA THR E 175 -26.03 -7.61 -1.25
C THR E 175 -25.11 -6.41 -1.49
N TYR E 176 -24.39 -6.46 -2.61
CA TYR E 176 -23.49 -5.40 -3.03
C TYR E 176 -23.89 -4.91 -4.41
N SER E 177 -23.57 -3.65 -4.70
CA SER E 177 -23.64 -3.15 -6.06
C SER E 177 -22.30 -2.53 -6.42
N LEU E 178 -21.96 -2.58 -7.70
CA LEU E 178 -20.68 -2.08 -8.19
C LEU E 178 -20.87 -1.33 -9.50
N SER E 179 -20.32 -0.13 -9.56
CA SER E 179 -20.24 0.60 -10.81
C SER E 179 -18.79 0.60 -11.28
N SER E 180 -18.62 0.61 -12.61
CA SER E 180 -17.32 0.66 -13.22
C SER E 180 -17.42 1.71 -14.31
N THR E 181 -16.62 2.76 -14.20
CA THR E 181 -16.68 3.85 -15.18
C THR E 181 -15.43 3.90 -16.06
N LEU E 182 -15.64 3.78 -17.36
CA LEU E 182 -14.58 3.93 -18.38
C LEU E 182 -14.55 5.35 -18.87
N THR E 183 -13.40 6.00 -18.83
CA THR E 183 -13.29 7.38 -19.26
C THR E 183 -12.44 7.48 -20.51
N LEU E 184 -12.95 8.20 -21.50
CA LEU E 184 -12.21 8.45 -22.72
C LEU E 184 -12.43 9.90 -23.11
N SER E 185 -11.52 10.45 -23.90
CA SER E 185 -11.76 11.74 -24.51
C SER E 185 -12.74 11.50 -25.67
N LYS E 186 -13.50 12.54 -26.03
CA LYS E 186 -14.44 12.43 -27.15
C LYS E 186 -13.73 11.98 -28.42
N ALA E 187 -12.54 12.53 -28.67
CA ALA E 187 -11.74 12.12 -29.82
C ALA E 187 -11.53 10.60 -29.84
N ASP E 188 -11.11 10.03 -28.71
CA ASP E 188 -10.88 8.59 -28.63
C ASP E 188 -12.17 7.79 -28.68
N TYR E 189 -13.21 8.30 -28.02
CA TYR E 189 -14.51 7.67 -28.00
C TYR E 189 -15.14 7.60 -29.38
N GLU E 190 -14.90 8.63 -30.18
CA GLU E 190 -15.50 8.77 -31.52
C GLU E 190 -14.87 7.83 -32.53
N LYS E 191 -13.63 7.40 -32.27
CA LYS E 191 -12.89 6.52 -33.16
C LYS E 191 -13.37 5.06 -33.16
N HIS E 192 -14.25 4.70 -32.22
CA HIS E 192 -14.68 3.30 -32.07
C HIS E 192 -16.21 3.11 -32.03
N LYS E 193 -16.65 1.86 -32.18
CA LYS E 193 -18.07 1.53 -32.37
C LYS E 193 -18.70 0.74 -31.22
N VAL E 194 -18.16 -0.44 -30.95
CA VAL E 194 -18.77 -1.35 -29.97
C VAL E 194 -18.16 -1.17 -28.59
N TYR E 195 -19.00 -0.94 -27.59
CA TYR E 195 -18.55 -0.79 -26.22
C TYR E 195 -19.21 -1.85 -25.34
N ALA E 196 -18.37 -2.66 -24.69
CA ALA E 196 -18.84 -3.77 -23.89
C ALA E 196 -18.16 -3.80 -22.53
N CYS E 197 -18.92 -4.17 -21.50
CA CYS E 197 -18.31 -4.62 -20.26
C CYS E 197 -18.66 -6.10 -20.05
N GLU E 198 -17.66 -6.87 -19.67
CA GLU E 198 -17.87 -8.29 -19.44
C GLU E 198 -17.77 -8.56 -17.95
N VAL E 199 -18.78 -9.25 -17.42
CA VAL E 199 -18.88 -9.49 -15.98
C VAL E 199 -18.66 -10.96 -15.65
N THR E 200 -17.72 -11.24 -14.75
CA THR E 200 -17.51 -12.59 -14.24
C THR E 200 -17.88 -12.63 -12.76
N HIS E 201 -18.75 -13.57 -12.41
CA HIS E 201 -19.19 -13.71 -11.02
C HIS E 201 -19.47 -15.17 -10.65
N GLN E 202 -19.32 -15.48 -9.37
CA GLN E 202 -19.57 -16.82 -8.82
C GLN E 202 -20.97 -17.35 -9.17
N GLY E 203 -21.94 -16.43 -9.25
CA GLY E 203 -23.34 -16.78 -9.50
C GLY E 203 -23.73 -16.78 -10.96
N LEU E 204 -22.76 -16.48 -11.83
CA LEU E 204 -22.97 -16.51 -13.27
C LEU E 204 -22.28 -17.74 -13.82
N SER E 205 -23.06 -18.70 -14.31
CA SER E 205 -22.48 -19.94 -14.84
C SER E 205 -21.55 -19.66 -16.02
N SER E 206 -21.79 -18.54 -16.70
CA SER E 206 -20.87 -18.05 -17.73
C SER E 206 -20.86 -16.51 -17.76
N PRO E 207 -19.75 -15.92 -18.24
CA PRO E 207 -19.65 -14.46 -18.21
C PRO E 207 -20.77 -13.74 -18.99
N VAL E 208 -21.32 -12.68 -18.39
CA VAL E 208 -22.37 -11.88 -19.00
C VAL E 208 -21.77 -10.61 -19.60
N THR E 209 -22.11 -10.33 -20.86
CA THR E 209 -21.67 -9.12 -21.54
C THR E 209 -22.88 -8.26 -21.88
N LYS E 210 -22.84 -6.98 -21.48
CA LYS E 210 -23.80 -6.01 -21.99
C LYS E 210 -23.03 -5.01 -22.85
N SER E 211 -23.56 -4.70 -24.03
CA SER E 211 -22.83 -3.85 -24.98
C SER E 211 -23.70 -2.90 -25.80
N PHE E 212 -23.11 -1.84 -26.32
CA PHE E 212 -23.81 -0.98 -27.25
C PHE E 212 -22.93 -0.58 -28.44
N ASN E 213 -23.55 -0.30 -29.57
CA ASN E 213 -22.87 0.34 -30.69
C ASN E 213 -23.06 1.86 -30.61
N ARG E 214 -21.95 2.58 -30.67
CA ARG E 214 -21.91 4.04 -30.52
C ARG E 214 -22.85 4.77 -31.49
N GLY E 215 -23.86 5.42 -30.90
CA GLY E 215 -24.81 6.26 -31.65
C GLY E 215 -25.86 5.51 -32.44
N GLU E 216 -26.55 4.57 -31.79
CA GLU E 216 -27.63 3.80 -32.42
C GLU E 216 -28.31 2.82 -31.43
N CYS E 217 -28.87 3.37 -30.34
CA CYS E 217 -29.54 2.52 -29.33
C CYS E 217 -30.94 2.10 -29.79
N GLU F 4 -21.27 13.63 31.81
CA GLU F 4 -21.05 12.94 30.51
C GLU F 4 -19.80 13.46 29.82
N VAL F 5 -19.01 12.56 29.26
CA VAL F 5 -17.70 12.91 28.67
C VAL F 5 -17.82 13.10 27.14
N GLN F 6 -17.42 14.29 26.68
CA GLN F 6 -17.58 14.69 25.29
C GLN F 6 -16.27 15.22 24.71
N LEU F 7 -15.97 14.86 23.47
CA LEU F 7 -14.85 15.45 22.73
C LEU F 7 -15.31 15.94 21.36
N VAL F 8 -15.03 17.21 21.06
CA VAL F 8 -15.47 17.81 19.80
C VAL F 8 -14.30 18.41 19.02
N GLU F 9 -13.85 17.68 17.99
CA GLU F 9 -12.74 18.13 17.15
C GLU F 9 -13.15 19.09 16.03
N SER F 10 -12.70 20.33 16.14
CA SER F 10 -13.05 21.36 15.17
C SER F 10 -11.81 21.90 14.44
N GLY F 11 -12.06 22.79 13.47
CA GLY F 11 -10.99 23.46 12.73
C GLY F 11 -10.49 22.73 11.50
N GLY F 12 -11.33 21.85 10.94
CA GLY F 12 -10.97 21.08 9.75
C GLY F 12 -11.45 21.69 8.44
N GLY F 13 -10.68 21.48 7.38
CA GLY F 13 -11.03 21.99 6.06
C GLY F 13 -10.03 21.65 4.98
N LEU F 14 -10.07 22.42 3.90
CA LEU F 14 -9.19 22.22 2.77
C LEU F 14 -7.87 22.95 3.01
N VAL F 15 -6.76 22.31 2.64
CA VAL F 15 -5.43 22.95 2.67
C VAL F 15 -4.53 22.42 1.56
N GLN F 16 -3.71 23.30 1.00
CA GLN F 16 -2.78 22.95 -0.07
C GLN F 16 -1.62 22.11 0.43
N PRO F 17 -1.02 21.26 -0.43
CA PRO F 17 0.17 20.50 -0.04
C PRO F 17 1.37 21.47 0.19
N GLY F 18 2.07 21.28 1.33
CA GLY F 18 3.10 22.21 1.80
C GLY F 18 2.51 23.15 2.83
N GLY F 19 1.15 23.36 2.76
CA GLY F 19 0.45 24.24 3.70
C GLY F 19 0.30 23.64 5.08
N SER F 20 -0.49 24.32 5.91
CA SER F 20 -0.61 23.95 7.32
C SER F 20 -1.96 24.33 7.93
N LEU F 21 -2.36 23.57 8.94
CA LEU F 21 -3.68 23.69 9.56
C LEU F 21 -3.58 23.47 11.07
N ARG F 22 -4.47 24.11 11.82
CA ARG F 22 -4.56 23.91 13.26
C ARG F 22 -5.93 23.35 13.66
N LEU F 23 -5.93 22.08 14.01
CA LEU F 23 -7.11 21.39 14.53
C LEU F 23 -7.25 21.63 16.03
N SER F 24 -8.48 21.65 16.51
CA SER F 24 -8.75 21.87 17.92
C SER F 24 -9.63 20.75 18.43
N CYS F 25 -9.30 20.25 19.62
CA CYS F 25 -10.15 19.30 20.31
C CYS F 25 -10.68 19.97 21.57
N ALA F 26 -11.99 20.15 21.64
CA ALA F 26 -12.64 20.78 22.79
C ALA F 26 -13.36 19.72 23.62
N ALA F 27 -12.84 19.47 24.82
CA ALA F 27 -13.38 18.45 25.71
C ALA F 27 -14.22 19.03 26.84
N SER F 28 -15.29 18.33 27.19
CA SER F 28 -16.18 18.74 28.28
C SER F 28 -16.53 17.56 29.19
N GLY F 29 -16.86 17.86 30.44
CA GLY F 29 -17.20 16.87 31.46
C GLY F 29 -16.01 16.06 31.96
N PHE F 30 -14.81 16.64 31.79
CA PHE F 30 -13.55 15.92 31.97
C PHE F 30 -12.41 16.93 31.95
N ASN F 31 -11.57 16.91 33.00
CA ASN F 31 -10.34 17.70 33.03
C ASN F 31 -9.24 17.02 32.23
N VAL F 32 -8.74 17.70 31.21
CA VAL F 32 -7.80 17.09 30.25
C VAL F 32 -6.50 16.61 30.88
N LYS F 33 -6.07 17.31 31.92
CA LYS F 33 -4.78 17.04 32.57
C LYS F 33 -4.74 15.71 33.32
N THR F 34 -5.91 15.23 33.75
CA THR F 34 -6.06 14.00 34.53
C THR F 34 -5.95 12.74 33.66
N GLY F 35 -5.70 12.95 32.38
CA GLY F 35 -5.49 11.86 31.43
C GLY F 35 -4.60 12.33 30.30
N LEU F 36 -4.66 11.62 29.17
CA LEU F 36 -3.95 12.03 27.97
C LEU F 36 -4.94 12.25 26.86
N ILE F 37 -4.57 13.07 25.87
CA ILE F 37 -5.41 13.26 24.70
C ILE F 37 -4.65 12.82 23.45
N HIS F 38 -5.29 11.97 22.66
CA HIS F 38 -4.72 11.39 21.46
C HIS F 38 -5.33 11.96 20.20
N TRP F 39 -4.55 11.87 19.12
CA TRP F 39 -5.05 12.10 17.79
C TRP F 39 -4.85 10.81 16.99
N VAL F 40 -5.89 10.43 16.27
CA VAL F 40 -5.88 9.25 15.42
C VAL F 40 -6.54 9.64 14.11
N ARG F 41 -5.89 9.32 13.00
CA ARG F 41 -6.46 9.60 11.67
C ARG F 41 -6.81 8.32 10.89
N GLN F 42 -7.56 8.51 9.80
CA GLN F 42 -8.10 7.40 9.02
C GLN F 42 -8.42 7.90 7.62
N ALA F 43 -7.58 7.53 6.66
CA ALA F 43 -7.87 7.85 5.26
C ALA F 43 -9.13 7.09 4.82
N PRO F 44 -9.91 7.66 3.88
CA PRO F 44 -11.16 7.03 3.45
C PRO F 44 -10.94 5.60 2.96
N GLY F 45 -11.72 4.66 3.50
CA GLY F 45 -11.65 3.25 3.10
C GLY F 45 -10.40 2.53 3.56
N LYS F 46 -9.75 3.07 4.59
CA LYS F 46 -8.46 2.57 5.08
C LYS F 46 -8.53 2.50 6.59
N GLY F 47 -7.60 1.72 7.18
CA GLY F 47 -7.59 1.50 8.62
C GLY F 47 -7.21 2.70 9.45
N LEU F 48 -7.24 2.54 10.77
CA LEU F 48 -6.93 3.63 11.69
C LEU F 48 -5.42 3.80 11.79
N GLU F 49 -4.97 5.05 11.90
CA GLU F 49 -3.55 5.39 12.04
C GLU F 49 -3.39 6.25 13.28
N TRP F 50 -2.60 5.78 14.24
CA TRP F 50 -2.29 6.61 15.41
C TRP F 50 -1.35 7.75 15.00
N VAL F 51 -1.62 8.96 15.50
CA VAL F 51 -0.88 10.14 15.09
C VAL F 51 0.03 10.66 16.21
N ALA F 52 -0.57 11.06 17.33
CA ALA F 52 0.15 11.68 18.43
C ALA F 52 -0.61 11.59 19.75
N TYR F 53 0.09 11.85 20.85
CA TYR F 53 -0.57 12.11 22.13
C TYR F 53 0.15 13.18 22.94
N ILE F 54 -0.57 13.71 23.93
CA ILE F 54 -0.01 14.64 24.90
C ILE F 54 -0.62 14.38 26.28
N SER F 55 0.20 14.53 27.31
CA SER F 55 -0.25 14.52 28.68
C SER F 55 -0.29 15.96 29.18
N PRO F 56 -1.48 16.59 29.14
CA PRO F 56 -1.61 18.01 29.44
C PRO F 56 -1.08 18.41 30.81
N TYR F 57 -0.84 17.42 31.68
CA TYR F 57 -0.24 17.70 32.98
C TYR F 57 1.25 18.02 32.84
N TYR F 58 2.05 17.03 32.44
CA TYR F 58 3.50 17.24 32.28
C TYR F 58 3.86 17.86 30.93
N GLY F 59 2.95 17.78 29.97
CA GLY F 59 3.21 18.26 28.62
C GLY F 59 4.05 17.30 27.79
N SER F 60 3.97 16.00 28.09
CA SER F 60 4.74 15.00 27.37
C SER F 60 4.12 14.68 26.01
N THR F 61 4.97 14.60 24.99
CA THR F 61 4.51 14.43 23.63
C THR F 61 5.11 13.18 22.96
N SER F 62 4.28 12.47 22.21
CA SER F 62 4.75 11.37 21.38
C SER F 62 4.13 11.46 20.00
N TYR F 63 4.97 11.31 18.97
CA TYR F 63 4.51 11.37 17.60
C TYR F 63 4.91 10.13 16.81
N ALA F 64 4.03 9.70 15.93
CA ALA F 64 4.30 8.64 14.96
C ALA F 64 5.39 9.04 13.95
N ASP F 65 6.11 8.03 13.44
CA ASP F 65 7.21 8.24 12.51
C ASP F 65 6.77 8.89 11.20
N SER F 66 5.55 8.60 10.77
CA SER F 66 5.04 9.16 9.52
C SER F 66 4.75 10.66 9.66
N VAL F 67 4.95 11.17 10.86
CA VAL F 67 4.46 12.48 11.23
C VAL F 67 5.48 13.31 12.02
N LYS F 68 6.46 12.61 12.62
CA LYS F 68 7.52 13.20 13.46
C LYS F 68 7.80 14.70 13.28
N GLY F 69 8.37 15.06 12.14
CA GLY F 69 8.96 16.38 11.97
C GLY F 69 7.99 17.54 11.83
N ARG F 70 6.87 17.29 11.17
CA ARG F 70 5.98 18.37 10.74
C ARG F 70 4.75 18.59 11.63
N PHE F 71 4.47 17.64 12.53
CA PHE F 71 3.31 17.74 13.41
C PHE F 71 3.70 18.13 14.83
N THR F 72 2.93 19.04 15.42
CA THR F 72 3.11 19.44 16.83
C THR F 72 1.79 19.29 17.57
N ILE F 73 1.84 18.67 18.75
CA ILE F 73 0.67 18.59 19.62
C ILE F 73 0.87 19.47 20.87
N SER F 74 -0.09 20.36 21.10
CA SER F 74 -0.09 21.22 22.28
C SER F 74 -1.39 21.08 23.06
N ALA F 75 -1.47 21.76 24.21
CA ALA F 75 -2.67 21.72 25.05
C ALA F 75 -2.78 22.95 25.95
N ASP F 76 -4.01 23.41 26.13
CA ASP F 76 -4.31 24.53 27.03
C ASP F 76 -5.23 24.04 28.16
N THR F 77 -4.65 23.85 29.35
CA THR F 77 -5.35 23.25 30.48
C THR F 77 -6.50 24.09 31.03
N SER F 78 -6.33 25.42 31.00
CA SER F 78 -7.39 26.33 31.44
C SER F 78 -8.55 26.33 30.46
N LYS F 79 -8.23 26.23 29.17
CA LYS F 79 -9.26 26.14 28.12
C LYS F 79 -9.79 24.72 27.96
N ASN F 80 -9.10 23.75 28.58
CA ASN F 80 -9.48 22.33 28.53
C ASN F 80 -9.53 21.83 27.08
N THR F 81 -8.49 22.16 26.33
CA THR F 81 -8.50 22.03 24.88
C THR F 81 -7.14 21.54 24.38
N ALA F 82 -7.17 20.54 23.50
CA ALA F 82 -5.96 20.03 22.86
C ALA F 82 -5.87 20.51 21.41
N TYR F 83 -4.65 20.52 20.87
CA TYR F 83 -4.39 21.07 19.55
C TYR F 83 -3.42 20.19 18.75
N LEU F 84 -3.54 20.25 17.43
CA LEU F 84 -2.60 19.56 16.56
C LEU F 84 -2.23 20.44 15.38
N GLN F 85 -1.11 21.14 15.51
CA GLN F 85 -0.55 21.92 14.42
C GLN F 85 0.11 20.95 13.44
N MET F 86 -0.35 21.01 12.19
CA MET F 86 0.21 20.18 11.12
C MET F 86 0.91 21.09 10.12
N ASN F 87 2.21 20.83 9.88
CA ASN F 87 2.99 21.56 8.87
C ASN F 87 3.42 20.62 7.75
N SER F 88 4.01 21.18 6.70
CA SER F 88 4.51 20.39 5.57
C SER F 88 3.55 19.28 5.14
N LEU F 89 2.27 19.65 5.01
CA LEU F 89 1.22 18.69 4.63
C LEU F 89 1.43 18.14 3.22
N ARG F 90 1.24 16.83 3.08
CA ARG F 90 1.33 16.18 1.77
C ARG F 90 0.04 15.42 1.45
N ALA F 91 -0.05 14.91 0.22
CA ALA F 91 -1.24 14.18 -0.23
C ALA F 91 -1.64 13.06 0.71
N GLU F 92 -0.66 12.35 1.26
CA GLU F 92 -0.90 11.20 2.14
C GLU F 92 -1.47 11.57 3.52
N ASP F 93 -1.57 12.86 3.81
CA ASP F 93 -2.05 13.32 5.12
C ASP F 93 -3.56 13.51 5.17
N THR F 94 -4.19 13.45 4.00
CA THR F 94 -5.65 13.54 3.81
C THR F 94 -6.39 12.45 4.56
N ALA F 95 -7.19 12.83 5.57
CA ALA F 95 -7.94 11.88 6.40
C ALA F 95 -8.98 12.54 7.29
N VAL F 96 -9.82 11.71 7.91
CA VAL F 96 -10.67 12.13 9.01
C VAL F 96 -9.80 12.10 10.28
N TYR F 97 -9.74 13.22 10.99
CA TYR F 97 -8.93 13.30 12.20
C TYR F 97 -9.77 13.19 13.47
N TYR F 98 -9.47 12.19 14.29
CA TYR F 98 -10.15 11.95 15.57
C TYR F 98 -9.27 12.35 16.73
N CYS F 99 -9.79 13.12 17.68
CA CYS F 99 -9.18 13.20 19.00
C CYS F 99 -9.92 12.26 19.93
N ALA F 100 -9.16 11.71 20.88
CA ALA F 100 -9.71 10.75 21.80
C ALA F 100 -8.97 10.94 23.11
N ARG F 101 -9.40 10.24 24.16
CA ARG F 101 -8.71 10.37 25.45
C ARG F 101 -8.35 9.02 26.07
N GLU F 102 -7.25 8.97 26.83
CA GLU F 102 -6.95 7.79 27.63
C GLU F 102 -6.89 8.08 29.13
N TYR F 103 -7.50 7.17 29.88
CA TYR F 103 -7.65 7.29 31.33
C TYR F 103 -7.07 6.04 31.97
N TYR F 104 -6.31 6.27 33.05
CA TYR F 104 -5.46 5.26 33.68
C TYR F 104 -6.15 3.92 33.89
N ARG F 105 -7.42 3.97 34.27
CA ARG F 105 -8.24 2.80 34.60
C ARG F 105 -8.36 1.78 33.45
N TRP F 106 -8.09 2.23 32.23
CA TRP F 106 -8.20 1.39 31.03
C TRP F 106 -6.87 0.92 30.41
N TYR F 107 -5.77 1.07 31.14
CA TYR F 107 -4.47 0.49 30.74
C TYR F 107 -4.13 0.74 29.27
N THR F 108 -3.94 2.01 28.92
CA THR F 108 -3.58 2.49 27.56
C THR F 108 -4.68 2.44 26.48
N ALA F 109 -5.89 2.01 26.83
CA ALA F 109 -6.99 1.98 25.85
C ALA F 109 -7.65 3.36 25.70
N ILE F 110 -8.08 3.67 24.48
CA ILE F 110 -8.74 4.96 24.17
C ILE F 110 -10.27 4.81 24.27
N ASP F 111 -10.89 5.39 25.29
CA ASP F 111 -12.31 5.09 25.56
C ASP F 111 -13.36 6.07 25.02
N TYR F 112 -13.08 7.36 25.08
CA TYR F 112 -13.94 8.35 24.44
C TYR F 112 -13.30 8.89 23.18
N TRP F 113 -14.08 8.89 22.10
CA TRP F 113 -13.66 9.38 20.79
C TRP F 113 -14.73 10.34 20.28
N GLY F 114 -14.29 11.47 19.73
CA GLY F 114 -15.20 12.39 19.05
C GLY F 114 -15.53 11.89 17.65
N GLN F 115 -16.38 12.63 16.93
CA GLN F 115 -16.85 12.17 15.61
C GLN F 115 -15.90 12.49 14.45
N GLY F 116 -15.00 13.45 14.65
CA GLY F 116 -13.92 13.68 13.71
C GLY F 116 -14.20 14.62 12.57
N THR F 117 -13.31 15.58 12.37
CA THR F 117 -13.40 16.49 11.24
C THR F 117 -12.59 15.97 10.04
N LEU F 118 -13.09 16.22 8.83
CA LEU F 118 -12.36 15.84 7.63
C LEU F 118 -11.26 16.84 7.33
N VAL F 119 -10.10 16.32 6.94
CA VAL F 119 -8.99 17.15 6.47
C VAL F 119 -8.51 16.57 5.15
N THR F 120 -8.57 17.40 4.11
CA THR F 120 -8.15 17.00 2.78
C THR F 120 -7.06 17.92 2.26
N VAL F 121 -5.99 17.31 1.74
CA VAL F 121 -4.82 18.03 1.26
C VAL F 121 -4.67 17.81 -0.23
N SER F 122 -4.84 18.89 -1.00
CA SER F 122 -4.83 18.83 -2.48
C SER F 122 -4.65 20.18 -3.17
N SER F 123 -4.01 20.13 -4.34
CA SER F 123 -3.79 21.34 -5.15
C SER F 123 -5.00 21.68 -6.04
N ALA F 124 -6.04 20.86 -5.98
CA ALA F 124 -7.27 21.13 -6.71
C ALA F 124 -8.10 22.24 -6.04
N SER F 125 -8.92 22.92 -6.85
CA SER F 125 -9.76 24.03 -6.37
C SER F 125 -11.21 23.61 -6.15
N THR F 126 -11.83 24.21 -5.12
CA THR F 126 -13.27 24.06 -4.85
C THR F 126 -14.14 24.25 -6.11
N LYS F 127 -15.09 23.34 -6.33
CA LYS F 127 -15.77 23.23 -7.61
C LYS F 127 -16.99 22.30 -7.57
N GLY F 128 -18.13 22.84 -7.99
CA GLY F 128 -19.36 22.05 -8.13
C GLY F 128 -19.26 21.04 -9.25
N PRO F 129 -20.13 20.01 -9.22
CA PRO F 129 -20.04 18.93 -10.19
C PRO F 129 -20.83 19.22 -11.47
N SER F 130 -20.51 18.48 -12.53
CA SER F 130 -21.31 18.47 -13.74
C SER F 130 -22.16 17.20 -13.68
N VAL F 131 -23.46 17.34 -13.93
CA VAL F 131 -24.39 16.23 -13.74
C VAL F 131 -24.97 15.72 -15.06
N PHE F 132 -24.66 14.46 -15.39
CA PHE F 132 -25.08 13.85 -16.64
C PHE F 132 -26.02 12.65 -16.43
N PRO F 133 -27.07 12.55 -17.26
CA PRO F 133 -28.02 11.45 -17.07
C PRO F 133 -27.48 10.08 -17.50
N LEU F 134 -27.64 9.09 -16.64
CA LEU F 134 -27.46 7.70 -17.03
C LEU F 134 -28.82 7.17 -17.52
N ALA F 135 -29.00 7.23 -18.84
CA ALA F 135 -30.28 6.91 -19.46
C ALA F 135 -30.50 5.41 -19.69
N PRO F 136 -31.69 4.90 -19.30
CA PRO F 136 -32.04 3.48 -19.51
C PRO F 136 -32.22 3.17 -20.99
N SER F 137 -31.63 2.07 -21.44
CA SER F 137 -31.66 1.69 -22.86
C SER F 137 -32.85 0.80 -23.21
N SER F 138 -33.20 0.80 -24.50
CA SER F 138 -34.23 -0.08 -25.04
C SER F 138 -33.71 -1.51 -25.15
N GLY F 143 -35.41 -8.07 -18.53
CA GLY F 143 -36.84 -7.84 -18.74
C GLY F 143 -37.58 -7.52 -17.44
N GLY F 144 -38.54 -6.60 -17.54
CA GLY F 144 -39.33 -6.19 -16.39
C GLY F 144 -38.74 -5.01 -15.62
N THR F 145 -37.44 -5.07 -15.34
CA THR F 145 -36.78 -4.03 -14.55
C THR F 145 -35.66 -3.28 -15.29
N ALA F 146 -35.73 -1.95 -15.25
CA ALA F 146 -34.75 -1.08 -15.91
C ALA F 146 -33.95 -0.24 -14.91
N ALA F 147 -32.70 0.06 -15.27
CA ALA F 147 -31.87 0.91 -14.44
C ALA F 147 -31.70 2.27 -15.10
N LEU F 148 -31.69 3.29 -14.26
CA LEU F 148 -31.34 4.64 -14.66
C LEU F 148 -30.62 5.31 -13.50
N GLY F 149 -29.88 6.36 -13.81
CA GLY F 149 -29.18 7.11 -12.78
C GLY F 149 -28.67 8.42 -13.33
N CYS F 150 -27.71 9.00 -12.62
CA CYS F 150 -26.99 10.16 -13.15
C CYS F 150 -25.57 10.21 -12.63
N LEU F 151 -24.69 10.66 -13.51
CA LEU F 151 -23.26 10.69 -13.27
C LEU F 151 -22.87 12.07 -12.69
N VAL F 152 -22.42 12.06 -11.44
CA VAL F 152 -21.99 13.28 -10.76
C VAL F 152 -20.47 13.35 -10.86
N LYS F 153 -19.98 14.25 -11.71
CA LYS F 153 -18.59 14.20 -12.15
C LYS F 153 -17.83 15.51 -11.95
N ASP F 154 -16.57 15.35 -11.58
CA ASP F 154 -15.60 16.44 -11.45
C ASP F 154 -16.03 17.46 -10.41
N TYR F 155 -15.98 17.04 -9.14
CA TYR F 155 -16.20 17.93 -8.03
C TYR F 155 -15.10 17.81 -6.99
N PHE F 156 -14.79 18.94 -6.35
CA PHE F 156 -13.81 19.00 -5.28
C PHE F 156 -14.22 20.07 -4.28
N PRO F 157 -14.15 19.75 -2.97
CA PRO F 157 -13.83 18.44 -2.43
C PRO F 157 -15.10 17.62 -2.13
N GLU F 158 -14.93 16.45 -1.51
CA GLU F 158 -16.05 15.75 -0.89
C GLU F 158 -16.65 16.65 0.19
N PRO F 159 -17.93 16.43 0.57
CA PRO F 159 -18.87 15.44 0.11
C PRO F 159 -19.96 15.97 -0.84
N VAL F 160 -20.60 15.05 -1.56
CA VAL F 160 -21.78 15.39 -2.34
C VAL F 160 -22.98 14.57 -1.85
N THR F 161 -24.18 15.13 -1.99
CA THR F 161 -25.41 14.40 -1.65
C THR F 161 -26.37 14.33 -2.83
N VAL F 162 -26.96 13.16 -3.01
CA VAL F 162 -27.91 12.91 -4.07
C VAL F 162 -29.24 12.48 -3.46
N SER F 163 -30.33 12.94 -4.05
CA SER F 163 -31.65 12.41 -3.74
C SER F 163 -32.40 12.20 -5.05
N TRP F 164 -33.49 11.44 -5.00
CA TRP F 164 -34.28 11.19 -6.19
C TRP F 164 -35.71 11.63 -5.98
N ASN F 165 -36.17 12.54 -6.84
CA ASN F 165 -37.48 13.17 -6.72
C ASN F 165 -37.68 13.82 -5.35
N SER F 166 -36.66 14.55 -4.91
CA SER F 166 -36.64 15.28 -3.63
C SER F 166 -36.92 14.42 -2.38
N GLY F 167 -36.62 13.13 -2.47
CA GLY F 167 -36.77 12.22 -1.34
C GLY F 167 -38.00 11.34 -1.39
N ALA F 168 -38.80 11.51 -2.44
CA ALA F 168 -39.99 10.68 -2.66
C ALA F 168 -39.61 9.28 -3.16
N LEU F 169 -38.44 9.19 -3.77
CA LEU F 169 -37.94 7.93 -4.32
C LEU F 169 -36.72 7.47 -3.51
N THR F 170 -36.88 6.34 -2.83
CA THR F 170 -35.82 5.83 -1.95
C THR F 170 -35.53 4.34 -2.16
N SER F 171 -36.54 3.58 -2.59
CA SER F 171 -36.38 2.16 -2.88
C SER F 171 -35.48 1.91 -4.09
N GLY F 172 -34.50 1.03 -3.91
CA GLY F 172 -33.59 0.65 -4.99
C GLY F 172 -32.57 1.70 -5.39
N VAL F 173 -32.36 2.70 -4.52
CA VAL F 173 -31.37 3.73 -4.79
C VAL F 173 -29.98 3.27 -4.31
N HIS F 174 -29.01 3.30 -5.21
CA HIS F 174 -27.61 3.06 -4.86
C HIS F 174 -26.79 4.28 -5.19
N THR F 175 -26.20 4.88 -4.16
CA THR F 175 -25.29 6.00 -4.35
C THR F 175 -23.89 5.50 -4.03
N PHE F 176 -23.05 5.42 -5.06
CA PHE F 176 -21.70 4.88 -4.89
C PHE F 176 -20.78 5.88 -4.20
N PRO F 177 -19.83 5.37 -3.40
CA PRO F 177 -18.77 6.17 -2.78
C PRO F 177 -17.93 6.82 -3.85
N ALA F 178 -17.51 8.06 -3.62
CA ALA F 178 -16.74 8.79 -4.63
C ALA F 178 -15.40 8.12 -4.89
N VAL F 179 -14.94 8.19 -6.12
CA VAL F 179 -13.53 7.88 -6.45
C VAL F 179 -12.74 9.15 -6.77
N LEU F 180 -11.43 9.09 -6.52
CA LEU F 180 -10.53 10.20 -6.81
C LEU F 180 -9.83 9.94 -8.13
N GLN F 181 -10.19 10.71 -9.14
CA GLN F 181 -9.63 10.53 -10.49
C GLN F 181 -8.21 11.08 -10.56
N SER F 182 -7.46 10.57 -11.54
CA SER F 182 -6.08 11.01 -11.82
C SER F 182 -5.90 12.54 -11.92
N SER F 183 -7.01 13.25 -12.15
CA SER F 183 -6.99 14.71 -12.23
C SER F 183 -6.98 15.38 -10.85
N GLY F 184 -7.39 14.65 -9.83
CA GLY F 184 -7.52 15.21 -8.48
C GLY F 184 -8.93 15.64 -8.13
N LEU F 185 -9.88 15.36 -9.02
CA LEU F 185 -11.29 15.67 -8.80
C LEU F 185 -12.06 14.38 -8.47
N TYR F 186 -13.21 14.53 -7.84
CA TYR F 186 -14.05 13.38 -7.48
C TYR F 186 -15.16 13.13 -8.48
N SER F 187 -15.60 11.88 -8.57
CA SER F 187 -16.69 11.49 -9.47
C SER F 187 -17.47 10.31 -8.90
N LEU F 188 -18.80 10.44 -8.84
CA LEU F 188 -19.63 9.32 -8.40
C LEU F 188 -20.90 9.14 -9.23
N SER F 189 -21.49 7.96 -9.10
CA SER F 189 -22.76 7.67 -9.73
C SER F 189 -23.83 7.36 -8.70
N SER F 190 -25.04 7.83 -8.96
CA SER F 190 -26.21 7.37 -8.23
C SER F 190 -27.14 6.69 -9.21
N VAL F 191 -27.59 5.48 -8.87
CA VAL F 191 -28.51 4.73 -9.74
C VAL F 191 -29.73 4.21 -8.99
N VAL F 192 -30.83 4.04 -9.73
CA VAL F 192 -32.02 3.39 -9.21
C VAL F 192 -32.62 2.40 -10.22
N THR F 193 -33.17 1.31 -9.70
CA THR F 193 -33.87 0.32 -10.52
C THR F 193 -35.38 0.45 -10.32
N VAL F 194 -36.13 0.46 -11.42
CA VAL F 194 -37.57 0.58 -11.36
C VAL F 194 -38.19 -0.46 -12.29
N PRO F 195 -39.53 -0.59 -12.27
CA PRO F 195 -40.23 -1.38 -13.27
C PRO F 195 -40.09 -0.74 -14.65
N SER F 196 -39.80 -1.55 -15.67
CA SER F 196 -39.77 -1.07 -17.04
C SER F 196 -40.98 -0.21 -17.35
N SER F 197 -42.17 -0.69 -16.96
CA SER F 197 -43.43 -0.02 -17.30
C SER F 197 -43.56 1.41 -16.74
N SER F 198 -42.79 1.70 -15.69
CA SER F 198 -42.89 3.00 -15.02
C SER F 198 -42.16 4.10 -15.76
N LEU F 199 -41.30 3.72 -16.70
CA LEU F 199 -40.41 4.65 -17.41
C LEU F 199 -41.10 5.85 -18.07
N GLY F 200 -41.97 5.59 -19.04
CA GLY F 200 -42.66 6.68 -19.71
C GLY F 200 -43.83 7.23 -18.93
N THR F 201 -44.17 6.57 -17.83
CA THR F 201 -45.37 6.91 -17.07
C THR F 201 -45.03 7.63 -15.75
N GLN F 202 -43.74 7.70 -15.45
CA GLN F 202 -43.23 8.38 -14.26
C GLN F 202 -41.91 9.05 -14.60
N THR F 203 -41.79 10.34 -14.33
CA THR F 203 -40.53 11.07 -14.56
C THR F 203 -39.56 10.83 -13.40
N TYR F 204 -38.28 11.03 -13.65
CA TYR F 204 -37.26 10.82 -12.63
C TYR F 204 -36.24 11.93 -12.64
N ILE F 205 -36.07 12.58 -11.49
CA ILE F 205 -35.09 13.64 -11.34
C ILE F 205 -34.14 13.30 -10.21
N CYS F 206 -32.85 13.34 -10.49
CA CYS F 206 -31.87 13.31 -9.42
C CYS F 206 -31.51 14.72 -9.02
N ASN F 207 -31.42 14.93 -7.71
CA ASN F 207 -31.11 16.24 -7.16
C ASN F 207 -29.73 16.16 -6.51
N VAL F 208 -28.83 17.03 -6.93
CA VAL F 208 -27.45 16.97 -6.45
C VAL F 208 -27.09 18.25 -5.71
N ASN F 209 -26.62 18.11 -4.47
CA ASN F 209 -26.18 19.23 -3.67
C ASN F 209 -24.70 19.12 -3.33
N HIS F 210 -23.97 20.19 -3.60
CA HIS F 210 -22.55 20.30 -3.27
C HIS F 210 -22.33 21.57 -2.46
N LYS F 211 -22.10 21.40 -1.16
CA LYS F 211 -22.00 22.51 -0.22
C LYS F 211 -20.71 23.36 -0.33
N PRO F 212 -19.54 22.71 -0.54
CA PRO F 212 -18.30 23.46 -0.75
C PRO F 212 -18.33 24.50 -1.88
N SER F 213 -19.41 24.52 -2.66
CA SER F 213 -19.60 25.56 -3.68
C SER F 213 -21.07 25.97 -3.85
N ASN F 214 -21.90 25.62 -2.87
CA ASN F 214 -23.33 25.97 -2.84
C ASN F 214 -24.08 25.68 -4.14
N THR F 215 -23.87 24.49 -4.68
CA THR F 215 -24.48 24.09 -5.96
C THR F 215 -25.64 23.13 -5.75
N LYS F 216 -26.78 23.46 -6.35
CA LYS F 216 -27.95 22.60 -6.30
C LYS F 216 -28.47 22.38 -7.72
N VAL F 217 -28.09 21.24 -8.31
CA VAL F 217 -28.50 20.90 -9.68
C VAL F 217 -29.49 19.75 -9.69
N ASP F 218 -30.64 19.99 -10.32
CA ASP F 218 -31.64 18.96 -10.56
C ASP F 218 -31.55 18.55 -12.02
N LYS F 219 -31.44 17.25 -12.27
CA LYS F 219 -31.36 16.76 -13.63
C LYS F 219 -32.41 15.71 -13.90
N LYS F 220 -33.26 15.99 -14.89
CA LYS F 220 -34.27 15.04 -15.33
C LYS F 220 -33.60 13.97 -16.19
N VAL F 221 -33.90 12.71 -15.88
CA VAL F 221 -33.32 11.56 -16.56
C VAL F 221 -34.35 10.91 -17.49
N GLU F 222 -34.20 11.17 -18.79
CA GLU F 222 -35.09 10.67 -19.82
C GLU F 222 -34.41 9.57 -20.63
N PRO F 223 -35.18 8.56 -21.08
CA PRO F 223 -34.63 7.53 -21.98
C PRO F 223 -34.27 8.12 -23.35
N LYS F 224 -33.38 7.43 -24.06
CA LYS F 224 -32.88 7.92 -25.35
C LYS F 224 -33.49 7.17 -26.54
N SER G 2 6.26 -6.04 30.47
CA SER G 2 5.05 -5.22 30.81
C SER G 2 4.57 -5.57 32.22
N HIS G 3 5.26 -6.54 32.82
CA HIS G 3 5.04 -6.93 34.20
C HIS G 3 5.20 -5.75 35.16
N MET G 4 4.40 -5.76 36.23
CA MET G 4 4.42 -4.72 37.27
C MET G 4 4.46 -5.35 38.66
N GLN G 5 4.90 -4.58 39.66
CA GLN G 5 4.97 -5.06 41.05
C GLN G 5 3.66 -4.81 41.83
N ILE G 6 3.26 -5.77 42.65
CA ILE G 6 2.16 -5.58 43.61
C ILE G 6 2.53 -6.17 44.97
N PHE G 7 1.80 -5.79 46.01
CA PHE G 7 2.07 -6.25 47.37
C PHE G 7 0.93 -7.05 47.96
N VAL G 8 1.27 -8.09 48.71
CA VAL G 8 0.31 -8.97 49.37
C VAL G 8 0.55 -8.97 50.89
N LYS G 9 -0.39 -8.40 51.63
CA LYS G 9 -0.30 -8.32 53.10
C LYS G 9 -1.12 -9.43 53.75
N THR G 10 -0.48 -10.15 54.67
CA THR G 10 -1.12 -11.28 55.36
C THR G 10 -1.87 -10.84 56.62
N LEU G 11 -2.30 -11.81 57.41
CA LEU G 11 -2.91 -11.54 58.72
C LEU G 11 -1.84 -10.97 59.66
N THR G 12 -0.71 -11.67 59.76
CA THR G 12 0.37 -11.32 60.69
C THR G 12 1.15 -10.08 60.26
N GLY G 13 0.89 -9.59 59.05
CA GLY G 13 1.48 -8.36 58.57
C GLY G 13 2.74 -8.52 57.73
N LYS G 14 2.80 -9.60 56.95
CA LYS G 14 3.94 -9.85 56.07
C LYS G 14 3.64 -9.41 54.64
N THR G 15 4.60 -8.69 54.04
CA THR G 15 4.47 -8.19 52.68
C THR G 15 5.18 -9.13 51.70
N ILE G 16 4.42 -9.60 50.71
CA ILE G 16 4.96 -10.48 49.67
C ILE G 16 4.83 -9.79 48.30
N THR G 17 5.93 -9.77 47.55
CA THR G 17 6.02 -9.03 46.29
C THR G 17 6.05 -9.96 45.08
N LEU G 18 5.15 -9.71 44.12
CA LEU G 18 5.07 -10.49 42.91
C LEU G 18 5.21 -9.61 41.68
N GLU G 19 5.83 -10.15 40.63
CA GLU G 19 5.88 -9.49 39.33
C GLU G 19 4.73 -10.03 38.50
N VAL G 20 3.69 -9.22 38.33
CA VAL G 20 2.46 -9.61 37.64
C VAL G 20 2.11 -8.70 36.46
N GLU G 21 1.41 -9.25 35.49
CA GLU G 21 0.88 -8.48 34.37
C GLU G 21 -0.62 -8.23 34.56
N PRO G 22 -1.11 -7.03 34.20
CA PRO G 22 -2.50 -6.69 34.49
C PRO G 22 -3.52 -7.66 33.87
N SER G 23 -3.10 -8.37 32.83
CA SER G 23 -3.94 -9.36 32.16
C SER G 23 -3.81 -10.74 32.78
N ASP G 24 -3.11 -10.84 33.91
CA ASP G 24 -3.02 -12.09 34.65
C ASP G 24 -4.30 -12.36 35.42
N THR G 25 -4.79 -13.59 35.35
CA THR G 25 -5.98 -13.99 36.09
C THR G 25 -5.69 -14.02 37.58
N ILE G 26 -6.73 -13.88 38.39
CA ILE G 26 -6.60 -13.99 39.85
C ILE G 26 -6.03 -15.37 40.23
N GLU G 27 -6.40 -16.40 39.48
CA GLU G 27 -5.84 -17.74 39.67
C GLU G 27 -4.33 -17.80 39.46
N ASN G 28 -3.82 -17.01 38.49
CA ASN G 28 -2.36 -16.91 38.23
C ASN G 28 -1.63 -16.41 39.45
N VAL G 29 -2.20 -15.39 40.09
CA VAL G 29 -1.63 -14.77 41.26
C VAL G 29 -1.53 -15.81 42.37
N LYS G 30 -2.66 -16.42 42.71
CA LYS G 30 -2.71 -17.44 43.78
C LYS G 30 -1.69 -18.54 43.55
N ALA G 31 -1.49 -18.92 42.29
CA ALA G 31 -0.46 -19.87 41.90
C ALA G 31 0.94 -19.32 42.16
N LYS G 32 1.18 -18.06 41.74
CA LYS G 32 2.45 -17.38 41.96
C LYS G 32 2.76 -17.21 43.45
N ILE G 33 1.69 -17.11 44.25
CA ILE G 33 1.81 -17.05 45.71
C ILE G 33 2.28 -18.40 46.25
N GLN G 34 1.78 -19.48 45.65
CA GLN G 34 2.15 -20.84 46.04
C GLN G 34 3.63 -21.16 45.76
N ASP G 35 4.24 -20.43 44.83
CA ASP G 35 5.65 -20.63 44.48
C ASP G 35 6.62 -20.08 45.53
N LYS G 36 6.11 -19.26 46.46
CA LYS G 36 6.96 -18.66 47.49
C LYS G 36 6.55 -18.97 48.92
N GLU G 37 5.27 -19.24 49.14
CA GLU G 37 4.76 -19.49 50.50
C GLU G 37 4.28 -20.93 50.71
N GLY G 38 3.87 -21.58 49.63
CA GLY G 38 3.37 -22.96 49.69
C GLY G 38 1.92 -23.05 50.12
N ILE G 39 1.17 -21.94 49.91
CA ILE G 39 -0.27 -21.90 50.23
C ILE G 39 -1.08 -22.35 49.01
N PRO G 40 -1.91 -23.40 49.15
CA PRO G 40 -2.72 -23.89 48.03
C PRO G 40 -3.82 -22.89 47.61
N PRO G 41 -3.87 -22.56 46.32
CA PRO G 41 -4.77 -21.59 45.67
C PRO G 41 -6.22 -21.61 46.17
N ASP G 42 -6.79 -22.80 46.35
CA ASP G 42 -8.17 -22.96 46.77
C ASP G 42 -8.41 -22.54 48.22
N GLN G 43 -7.37 -22.64 49.05
CA GLN G 43 -7.42 -22.19 50.44
C GLN G 43 -7.20 -20.68 50.58
N GLN G 44 -6.95 -20.01 49.45
CA GLN G 44 -6.69 -18.58 49.42
C GLN G 44 -7.93 -17.75 49.10
N ARG G 45 -7.95 -16.52 49.62
CA ARG G 45 -8.98 -15.54 49.29
C ARG G 45 -8.33 -14.15 49.27
N LEU G 46 -8.33 -13.53 48.10
CA LEU G 46 -7.64 -12.25 47.92
C LEU G 46 -8.59 -11.06 47.91
N ILE G 47 -8.15 -9.95 48.52
CA ILE G 47 -8.97 -8.75 48.65
C ILE G 47 -8.24 -7.51 48.14
N PHE G 48 -8.86 -6.81 47.19
CA PHE G 48 -8.45 -5.47 46.83
C PHE G 48 -9.59 -4.52 47.13
N ALA G 49 -9.30 -3.51 47.96
CA ALA G 49 -10.25 -2.44 48.31
C ALA G 49 -11.62 -2.97 48.78
N GLY G 50 -11.58 -3.98 49.64
CA GLY G 50 -12.80 -4.60 50.19
C GLY G 50 -13.68 -5.29 49.15
N LYS G 51 -13.05 -6.00 48.21
CA LYS G 51 -13.80 -6.70 47.17
C LYS G 51 -13.37 -8.16 47.06
N GLN G 52 -14.23 -8.98 46.44
CA GLN G 52 -13.89 -10.36 46.13
C GLN G 52 -13.13 -10.43 44.82
N LEU G 53 -12.00 -11.15 44.84
CA LEU G 53 -11.25 -11.38 43.61
C LEU G 53 -11.52 -12.81 43.13
N GLU G 54 -12.52 -12.94 42.27
CA GLU G 54 -12.90 -14.22 41.66
C GLU G 54 -11.81 -14.74 40.75
N ASP G 55 -11.63 -16.05 40.72
CA ASP G 55 -10.53 -16.69 39.99
C ASP G 55 -10.51 -16.44 38.48
N GLY G 56 -11.69 -16.37 37.87
CA GLY G 56 -11.82 -16.21 36.43
C GLY G 56 -11.68 -14.79 35.90
N ARG G 57 -11.22 -13.88 36.76
CA ARG G 57 -11.08 -12.47 36.40
C ARG G 57 -9.63 -12.02 36.48
N THR G 58 -9.29 -11.01 35.70
CA THR G 58 -7.91 -10.50 35.64
C THR G 58 -7.68 -9.37 36.64
N LEU G 59 -6.41 -9.06 36.91
CA LEU G 59 -6.06 -7.93 37.77
C LEU G 59 -6.59 -6.60 37.22
N SER G 60 -6.56 -6.44 35.90
CA SER G 60 -7.09 -5.24 35.27
C SER G 60 -8.59 -5.07 35.50
N ASP G 61 -9.28 -6.18 35.80
CA ASP G 61 -10.74 -6.16 36.01
C ASP G 61 -11.15 -5.45 37.30
N TYR G 62 -10.22 -5.43 38.26
CA TYR G 62 -10.47 -4.84 39.58
C TYR G 62 -9.64 -3.57 39.77
N ASN G 63 -9.24 -2.96 38.66
CA ASN G 63 -8.44 -1.74 38.66
C ASN G 63 -7.18 -1.83 39.53
N ILE G 64 -6.53 -2.98 39.50
CA ILE G 64 -5.29 -3.16 40.24
C ILE G 64 -4.15 -2.55 39.45
N GLN G 65 -3.38 -1.69 40.12
CA GLN G 65 -2.28 -1.04 39.43
C GLN G 65 -0.91 -1.10 40.12
N LYS G 66 0.08 -0.28 39.56
CA LYS G 66 1.50 -0.33 39.97
C LYS G 66 1.69 -0.16 41.45
N GLU G 67 2.18 -1.27 42.14
CA GLU G 67 2.47 -1.29 43.59
C GLU G 67 1.25 -1.12 44.47
N SER G 68 0.16 -1.81 44.09
CA SER G 68 -1.06 -1.89 44.91
C SER G 68 -0.91 -2.96 45.97
N THR G 69 -1.81 -2.93 46.95
CA THR G 69 -1.76 -3.87 48.07
C THR G 69 -3.01 -4.74 48.12
N LEU G 70 -2.79 -6.05 48.19
CA LEU G 70 -3.88 -7.01 48.27
C LEU G 70 -3.87 -7.69 49.63
N HIS G 71 -5.06 -8.10 50.09
CA HIS G 71 -5.20 -8.73 51.39
C HIS G 71 -5.55 -10.22 51.26
N LEU G 72 -4.58 -11.07 51.64
CA LEU G 72 -4.75 -12.52 51.60
C LEU G 72 -5.31 -13.08 52.90
N VAL G 73 -6.42 -13.80 52.79
CA VAL G 73 -7.05 -14.46 53.94
C VAL G 73 -7.06 -15.96 53.74
N LEU G 74 -6.35 -16.68 54.62
CA LEU G 74 -6.25 -18.15 54.55
C LEU G 74 -7.59 -18.80 54.89
N ARG G 75 -7.82 -20.00 54.35
CA ARG G 75 -9.06 -20.74 54.60
C ARG G 75 -8.86 -22.21 54.95
N LEU G 76 -9.57 -22.68 55.99
CA LEU G 76 -9.59 -24.10 56.38
C LEU G 76 -10.96 -24.53 56.89
N MET H 4 2.06 23.15 61.51
CA MET H 4 2.92 22.30 60.63
C MET H 4 2.62 22.42 59.13
N GLN H 5 3.62 22.84 58.37
CA GLN H 5 3.55 22.89 56.92
C GLN H 5 4.36 21.76 56.34
N ILE H 6 3.81 21.06 55.33
CA ILE H 6 4.56 20.02 54.62
C ILE H 6 4.71 20.33 53.13
N PHE H 7 5.74 19.74 52.53
CA PHE H 7 6.06 19.95 51.14
C PHE H 7 5.75 18.70 50.33
N VAL H 8 5.11 18.88 49.17
CA VAL H 8 4.84 17.78 48.26
C VAL H 8 5.59 18.03 46.95
N LYS H 9 6.54 17.16 46.63
CA LYS H 9 7.30 17.26 45.39
C LYS H 9 6.71 16.37 44.29
N THR H 10 6.32 17.01 43.19
CA THR H 10 5.88 16.33 41.97
C THR H 10 7.09 15.86 41.17
N LEU H 11 6.91 15.68 39.86
CA LEU H 11 8.03 15.32 39.01
C LEU H 11 8.56 16.54 38.24
N THR H 12 7.69 17.55 38.06
CA THR H 12 8.07 18.82 37.43
C THR H 12 8.98 19.67 38.33
N GLY H 13 9.57 19.02 39.34
CA GLY H 13 10.44 19.69 40.30
C GLY H 13 9.72 20.68 41.22
N LYS H 14 8.45 20.90 40.92
CA LYS H 14 7.61 21.85 41.67
C LYS H 14 7.26 21.31 43.05
N THR H 15 7.46 22.15 44.06
CA THR H 15 7.10 21.81 45.43
C THR H 15 5.75 22.43 45.77
N ILE H 16 4.90 21.65 46.44
CA ILE H 16 3.59 22.11 46.88
C ILE H 16 3.62 22.24 48.40
N THR H 17 3.32 23.43 48.88
CA THR H 17 3.26 23.70 50.32
C THR H 17 1.84 23.49 50.83
N LEU H 18 1.71 22.70 51.90
CA LEU H 18 0.39 22.38 52.47
C LEU H 18 0.33 22.65 53.97
N GLU H 19 -0.75 23.31 54.41
CA GLU H 19 -1.05 23.47 55.82
C GLU H 19 -1.86 22.26 56.27
N VAL H 20 -1.32 21.51 57.23
CA VAL H 20 -1.93 20.24 57.64
C VAL H 20 -2.08 20.09 59.17
N GLU H 21 -2.57 18.92 59.58
CA GLU H 21 -2.66 18.55 60.99
C GLU H 21 -2.16 17.11 61.16
N PRO H 22 -1.53 16.80 62.31
CA PRO H 22 -1.08 15.42 62.55
C PRO H 22 -2.24 14.43 62.51
N SER H 23 -3.44 14.90 62.85
CA SER H 23 -4.65 14.08 62.87
C SER H 23 -5.34 13.95 61.51
N ASP H 24 -4.80 14.64 60.49
CA ASP H 24 -5.27 14.48 59.11
C ASP H 24 -4.87 13.11 58.57
N THR H 25 -5.75 12.52 57.76
CA THR H 25 -5.45 11.26 57.08
C THR H 25 -4.80 11.53 55.71
N ILE H 26 -4.23 10.48 55.11
CA ILE H 26 -3.62 10.61 53.79
C ILE H 26 -4.68 11.03 52.76
N GLU H 27 -5.90 10.52 52.94
CA GLU H 27 -7.06 10.97 52.17
C GLU H 27 -7.23 12.49 52.20
N ASN H 28 -7.07 13.09 53.38
CA ASN H 28 -7.19 14.55 53.56
C ASN H 28 -6.09 15.33 52.84
N VAL H 29 -4.90 14.74 52.78
CA VAL H 29 -3.76 15.35 52.11
C VAL H 29 -4.02 15.35 50.60
N LYS H 30 -4.53 14.23 50.09
CA LYS H 30 -4.85 14.09 48.67
C LYS H 30 -5.95 15.06 48.24
N ALA H 31 -6.90 15.31 49.16
CA ALA H 31 -7.97 16.27 48.93
C ALA H 31 -7.43 17.68 48.77
N LYS H 32 -6.45 18.03 49.60
CA LYS H 32 -5.79 19.33 49.52
C LYS H 32 -4.93 19.45 48.27
N ILE H 33 -4.33 18.34 47.84
CA ILE H 33 -3.58 18.29 46.59
C ILE H 33 -4.52 18.36 45.38
N GLN H 34 -5.70 17.77 45.51
CA GLN H 34 -6.75 17.92 44.50
C GLN H 34 -7.22 19.37 44.42
N ASP H 35 -7.30 20.03 45.58
CA ASP H 35 -7.72 21.43 45.68
C ASP H 35 -6.79 22.40 44.97
N LYS H 36 -5.50 22.06 44.92
CA LYS H 36 -4.48 22.93 44.33
C LYS H 36 -4.06 22.49 42.93
N GLU H 37 -3.96 21.19 42.71
CA GLU H 37 -3.43 20.66 41.45
C GLU H 37 -4.48 20.13 40.48
N GLY H 38 -5.66 19.82 41.00
CA GLY H 38 -6.76 19.31 40.18
C GLY H 38 -6.61 17.86 39.76
N ILE H 39 -5.77 17.12 40.48
CA ILE H 39 -5.58 15.69 40.23
C ILE H 39 -6.32 14.89 41.31
N PRO H 40 -7.41 14.21 40.94
CA PRO H 40 -8.18 13.38 41.87
C PRO H 40 -7.31 12.42 42.70
N PRO H 41 -7.69 12.21 43.98
CA PRO H 41 -7.02 11.32 44.93
C PRO H 41 -6.68 9.92 44.41
N ASP H 42 -7.60 9.32 43.64
CA ASP H 42 -7.41 7.96 43.14
C ASP H 42 -6.29 7.89 42.09
N GLN H 43 -5.84 9.05 41.62
CA GLN H 43 -4.76 9.16 40.65
C GLN H 43 -3.45 9.69 41.28
N GLN H 44 -3.36 9.60 42.61
CA GLN H 44 -2.21 10.11 43.36
C GLN H 44 -1.55 9.00 44.17
N ARG H 45 -0.23 8.90 44.07
CA ARG H 45 0.53 7.98 44.90
C ARG H 45 1.56 8.80 45.66
N LEU H 46 1.56 8.65 46.99
CA LEU H 46 2.38 9.48 47.87
C LEU H 46 3.49 8.69 48.56
N ILE H 47 4.70 9.27 48.55
CA ILE H 47 5.88 8.60 49.05
C ILE H 47 6.54 9.39 50.18
N PHE H 48 6.92 8.70 51.24
CA PHE H 48 7.75 9.27 52.31
C PHE H 48 8.88 8.32 52.67
N ALA H 49 10.11 8.83 52.61
CA ALA H 49 11.34 8.05 52.88
C ALA H 49 11.40 6.69 52.15
N GLY H 50 10.76 6.62 50.98
CA GLY H 50 10.75 5.41 50.17
C GLY H 50 9.63 4.43 50.52
N LYS H 51 8.70 4.86 51.37
CA LYS H 51 7.57 4.02 51.76
C LYS H 51 6.25 4.65 51.34
N GLN H 52 5.42 3.86 50.65
CA GLN H 52 4.11 4.31 50.17
C GLN H 52 3.13 4.55 51.32
N LEU H 53 2.26 5.54 51.16
CA LEU H 53 1.28 5.89 52.18
C LEU H 53 -0.12 5.42 51.77
N GLU H 54 -0.90 4.98 52.74
CA GLU H 54 -2.23 4.42 52.50
C GLU H 54 -3.33 5.40 52.90
N ASP H 55 -4.37 5.50 52.07
CA ASP H 55 -5.47 6.46 52.23
C ASP H 55 -6.09 6.56 53.63
N GLY H 56 -6.11 5.44 54.34
CA GLY H 56 -6.74 5.35 55.66
C GLY H 56 -5.98 5.98 56.82
N ARG H 57 -4.70 5.62 56.95
CA ARG H 57 -3.85 6.05 58.07
C ARG H 57 -3.64 7.56 58.14
N THR H 58 -3.31 8.06 59.33
CA THR H 58 -3.01 9.48 59.55
C THR H 58 -1.52 9.76 59.36
N LEU H 59 -1.16 11.04 59.30
CA LEU H 59 0.21 11.47 59.06
C LEU H 59 1.19 11.03 60.15
N SER H 60 0.77 11.16 61.41
CA SER H 60 1.60 10.82 62.57
C SER H 60 1.84 9.31 62.72
N ASP H 61 1.16 8.51 61.91
CA ASP H 61 1.39 7.07 61.84
C ASP H 61 2.77 6.78 61.25
N TYR H 62 3.07 7.39 60.11
CA TYR H 62 4.34 7.20 59.42
C TYR H 62 5.45 8.09 60.01
N ASN H 63 5.14 8.75 61.13
CA ASN H 63 6.07 9.63 61.84
C ASN H 63 6.44 10.89 61.05
N ILE H 64 5.43 11.49 60.41
CA ILE H 64 5.60 12.67 59.58
C ILE H 64 5.50 13.93 60.45
N GLN H 65 6.54 14.76 60.37
CA GLN H 65 6.62 15.98 61.18
C GLN H 65 6.44 17.24 60.35
N ARG H 66 6.79 18.38 60.93
CA ARG H 66 6.78 19.66 60.23
C ARG H 66 7.90 19.71 59.19
N GLU H 67 7.61 20.35 58.06
CA GLU H 67 8.56 20.52 56.95
C GLU H 67 9.08 19.20 56.35
N SER H 68 8.42 18.08 56.67
CA SER H 68 8.69 16.80 56.05
C SER H 68 8.22 16.83 54.60
N THR H 69 9.00 16.23 53.71
CA THR H 69 8.71 16.25 52.29
C THR H 69 8.06 14.94 51.82
N LEU H 70 6.98 15.06 51.07
CA LEU H 70 6.35 13.91 50.42
C LEU H 70 6.61 13.98 48.92
N HIS H 71 6.62 12.81 48.28
CA HIS H 71 6.77 12.72 46.84
C HIS H 71 5.44 12.31 46.24
N LEU H 72 5.07 12.95 45.14
CA LEU H 72 3.82 12.62 44.46
C LEU H 72 4.07 11.96 43.10
N VAL H 73 3.59 10.74 42.95
CA VAL H 73 3.64 10.03 41.67
C VAL H 73 2.23 9.93 41.13
N LEU H 74 1.97 10.61 40.02
CA LEU H 74 0.64 10.53 39.41
C LEU H 74 0.48 9.27 38.59
N ARG H 75 -0.70 8.68 38.66
CA ARG H 75 -1.01 7.58 37.76
C ARG H 75 -1.89 8.06 36.58
N LEU H 76 -1.21 8.38 35.48
CA LEU H 76 -1.83 8.85 34.24
C LEU H 76 -2.01 7.73 33.21
N ARG H 77 -1.08 6.78 33.17
CA ARG H 77 -1.17 5.61 32.27
C ARG H 77 -1.58 4.34 33.06
N GLY H 78 -1.12 3.15 32.67
CA GLY H 78 -1.76 1.93 33.12
C GLY H 78 -0.99 1.02 34.07
N GLY H 79 0.15 0.49 33.68
CA GLY H 79 0.90 -0.36 34.62
C GLY H 79 2.37 -0.03 34.60
#